data_9BFV
#
_entry.id   9BFV
#
_cell.length_a   48.040
_cell.length_b   105.180
_cell.length_c   66.220
_cell.angle_alpha   90.000
_cell.angle_beta   90.860
_cell.angle_gamma   90.000
#
_symmetry.space_group_name_H-M   'P 1 21 1'
#
loop_
_entity.id
_entity.type
_entity.pdbx_description
1 polymer 'GTPase KRas'
2 polymer 'Peptidyl-prolyl cis-trans isomerase A'
3 non-polymer 'PHOSPHOAMINOPHOSPHONIC ACID-GUANYLATE ESTER'
4 non-polymer '(3R)-1-[(2E)-4-(dimethylamino)-4-methylpent-2-enoyl]-N-[(2S)-1-{[(1P,8R,10R,14S,21M)-22-ethyl-21-{2-[(1R)-1-methoxyethyl]pyridin-3-yl}-18,18-dimethyl-9,15-dioxo-16-oxa-10,22,28-triazapentacyclo[18.5.2.1~2,6~.1~10,14~.0~23,27~]nonacosa-1(25),2(29),3,5,20,23,26-heptaen-8-yl]amino}-3-methyl-1-oxobutan-2-yl]-N-methylpyrrolidine-3-carboxamide (non-preferred name)'
5 non-polymer 'MAGNESIUM ION'
6 water water
#
loop_
_entity_poly.entity_id
_entity_poly.type
_entity_poly.pdbx_seq_one_letter_code
_entity_poly.pdbx_strand_id
1 'polypeptide(L)'
;SMTEYKLVVVGACGVGKSALTIQLIQNHFVDEYDPTIEDSYRKQVVIDGETCLLDILDTAGQEEYSAMRDQYMRTGEGFL
CVFAINNTKSFEDIHHYREQIKRVKDSEDVPMVLVGNKCDLPSRTVDTKQAQDLARSYGIPFIETSAKTRQGVDDAFYTL
VREIRKHKEK
;
A,B
2 'polypeptide(L)'
;SMVNPTVFFDIAVDGEPLGRVSFELFADKVPKTAENFRALSTGEKGFGYKGSCFHRIIPGFMCQGGDFTRHNGTGGKSIY
GEKFEDENFILKHTGPGILSMANAGPNTNGSQFFICTAKTEWLDGKHVVFGKVKEGMNIVEAMERFGSRNGKTSKKITIA
DCGQLE
;
D,C
#
# COMPACT_ATOMS: atom_id res chain seq x y z
N SER A 1 6.54 -24.52 7.72
CA SER A 1 6.99 -23.17 7.99
C SER A 1 7.38 -22.46 6.69
N MET A 2 7.48 -21.15 6.75
CA MET A 2 7.83 -20.39 5.56
C MET A 2 9.12 -19.64 5.79
N THR A 3 9.59 -18.99 4.73
CA THR A 3 10.78 -18.15 4.77
C THR A 3 10.43 -16.88 4.03
N GLU A 4 10.96 -15.76 4.50
CA GLU A 4 10.71 -14.45 3.91
C GLU A 4 11.96 -13.93 3.22
N TYR A 5 11.77 -13.25 2.09
CA TYR A 5 12.86 -12.74 1.27
C TYR A 5 12.65 -11.27 0.97
N LYS A 6 13.68 -10.44 1.17
CA LYS A 6 13.61 -9.00 0.89
C LYS A 6 14.25 -8.72 -0.47
N LEU A 7 13.41 -8.54 -1.50
CA LEU A 7 13.87 -8.33 -2.86
C LEU A 7 13.74 -6.84 -3.20
N VAL A 8 14.72 -6.32 -3.92
CA VAL A 8 14.71 -4.91 -4.32
C VAL A 8 14.91 -4.88 -5.84
N VAL A 9 14.03 -4.15 -6.54
CA VAL A 9 14.08 -4.06 -8.00
C VAL A 9 14.67 -2.70 -8.36
N VAL A 10 15.78 -2.71 -9.09
CA VAL A 10 16.52 -1.52 -9.48
C VAL A 10 16.76 -1.52 -10.99
N GLY A 11 17.11 -0.35 -11.52
CA GLY A 11 17.33 -0.22 -12.96
C GLY A 11 16.92 1.16 -13.44
N ALA A 12 17.34 1.51 -14.64
CA ALA A 12 17.07 2.86 -15.18
C ALA A 12 15.58 3.12 -15.39
N CYS A 13 15.28 4.40 -15.56
CA CYS A 13 13.88 4.80 -15.73
C CYS A 13 13.25 4.11 -16.94
N GLY A 14 12.05 3.60 -16.77
CA GLY A 14 11.30 3.09 -17.93
C GLY A 14 11.64 1.69 -18.39
N VAL A 15 12.50 0.96 -17.70
CA VAL A 15 12.94 -0.38 -18.21
C VAL A 15 11.89 -1.46 -17.91
N GLY A 16 10.99 -1.20 -16.98
CA GLY A 16 9.93 -2.12 -16.66
C GLY A 16 9.96 -2.72 -15.25
N LYS A 17 10.59 -2.03 -14.31
CA LYS A 17 10.69 -2.52 -12.91
C LYS A 17 9.28 -2.73 -12.35
N SER A 18 8.42 -1.73 -12.51
CA SER A 18 7.07 -1.83 -11.95
C SER A 18 6.22 -2.83 -12.73
N ALA A 19 6.33 -2.83 -14.07
CA ALA A 19 5.53 -3.77 -14.84
C ALA A 19 5.88 -5.22 -14.48
N LEU A 20 7.17 -5.50 -14.26
CA LEU A 20 7.58 -6.84 -13.84
C LEU A 20 6.98 -7.17 -12.49
N THR A 21 7.09 -6.23 -11.54
CA THR A 21 6.57 -6.47 -10.19
C THR A 21 5.07 -6.66 -10.20
N ILE A 22 4.34 -5.82 -10.95
CA ILE A 22 2.88 -5.93 -10.99
CA ILE A 22 2.88 -5.92 -10.98
C ILE A 22 2.44 -7.22 -11.65
N GLN A 23 3.16 -7.67 -12.67
CA GLN A 23 2.83 -8.97 -13.25
C GLN A 23 3.01 -10.08 -12.23
N LEU A 24 4.11 -10.05 -11.47
CA LEU A 24 4.32 -11.06 -10.44
C LEU A 24 3.21 -10.99 -9.40
N ILE A 25 2.91 -9.79 -8.90
CA ILE A 25 2.00 -9.63 -7.75
C ILE A 25 0.55 -9.82 -8.17
N GLN A 26 0.16 -9.19 -9.28
CA GLN A 26 -1.25 -9.09 -9.65
C GLN A 26 -1.62 -9.79 -10.95
N ASN A 27 -0.65 -10.29 -11.71
CA ASN A 27 -0.92 -11.06 -12.93
C ASN A 27 -1.65 -10.24 -14.00
N HIS A 28 -1.24 -9.00 -14.18
CA HIS A 28 -1.72 -8.21 -15.31
C HIS A 28 -0.63 -7.23 -15.73
N PHE A 29 -0.82 -6.68 -16.93
CA PHE A 29 0.07 -5.70 -17.54
C PHE A 29 -0.76 -4.57 -18.13
N VAL A 30 -0.24 -3.34 -18.04
CA VAL A 30 -0.88 -2.18 -18.63
C VAL A 30 0.20 -1.36 -19.33
N ASP A 31 -0.11 -0.87 -20.54
CA ASP A 31 0.90 -0.10 -21.23
CA ASP A 31 0.83 -0.06 -21.31
C ASP A 31 1.04 1.33 -20.71
N GLU A 32 0.12 1.79 -19.87
CA GLU A 32 0.24 3.12 -19.31
C GLU A 32 1.42 3.19 -18.36
N TYR A 33 2.24 4.22 -18.54
CA TYR A 33 3.42 4.41 -17.66
C TYR A 33 3.04 5.27 -16.47
N ASP A 34 3.25 4.74 -15.28
CA ASP A 34 3.05 5.49 -14.03
C ASP A 34 4.39 5.54 -13.32
N PRO A 35 5.14 6.64 -13.45
CA PRO A 35 6.50 6.68 -12.88
C PRO A 35 6.49 6.50 -11.37
N THR A 36 7.42 5.66 -10.90
CA THR A 36 7.44 5.28 -9.49
C THR A 36 8.13 6.33 -8.63
N ILE A 37 7.58 6.54 -7.43
CA ILE A 37 8.32 7.16 -6.33
C ILE A 37 8.90 6.04 -5.50
N GLU A 38 8.04 5.22 -4.89
CA GLU A 38 8.46 4.04 -4.14
C GLU A 38 7.21 3.23 -3.83
N ASP A 39 7.25 1.91 -4.06
CA ASP A 39 6.15 1.04 -3.70
C ASP A 39 6.68 -0.28 -3.17
N SER A 40 5.92 -0.90 -2.28
CA SER A 40 6.31 -2.14 -1.63
C SER A 40 5.15 -3.12 -1.71
N TYR A 41 5.47 -4.40 -1.89
CA TYR A 41 4.46 -5.43 -2.06
C TYR A 41 4.85 -6.66 -1.26
N ARG A 42 3.85 -7.45 -0.90
CA ARG A 42 4.06 -8.74 -0.23
C ARG A 42 3.25 -9.81 -0.95
N LYS A 43 3.86 -10.96 -1.18
CA LYS A 43 3.14 -12.06 -1.80
C LYS A 43 3.70 -13.39 -1.33
N GLN A 44 2.80 -14.32 -1.03
CA GLN A 44 3.20 -15.67 -0.68
C GLN A 44 3.19 -16.57 -1.91
N VAL A 45 4.28 -17.31 -2.12
CA VAL A 45 4.43 -18.19 -3.27
C VAL A 45 5.11 -19.48 -2.81
N VAL A 46 5.08 -20.49 -3.69
CA VAL A 46 5.82 -21.73 -3.47
C VAL A 46 6.97 -21.77 -4.46
N ILE A 47 8.18 -21.95 -3.95
CA ILE A 47 9.38 -22.02 -4.77
C ILE A 47 10.15 -23.26 -4.34
N ASP A 48 10.39 -24.17 -5.28
CA ASP A 48 11.12 -25.41 -4.97
C ASP A 48 10.48 -26.14 -3.82
N GLY A 49 9.15 -26.18 -3.82
CA GLY A 49 8.39 -26.90 -2.82
C GLY A 49 8.31 -26.24 -1.47
N GLU A 50 8.95 -25.09 -1.28
CA GLU A 50 8.96 -24.40 0.00
C GLU A 50 8.09 -23.16 -0.10
N THR A 51 7.35 -22.87 0.97
CA THR A 51 6.53 -21.67 1.04
C THR A 51 7.39 -20.45 1.32
N CYS A 52 7.24 -19.42 0.48
CA CYS A 52 8.07 -18.23 0.55
C CYS A 52 7.19 -17.00 0.61
N LEU A 53 7.56 -16.08 1.47
CA LEU A 53 6.92 -14.76 1.54
C LEU A 53 7.88 -13.74 0.90
N LEU A 54 7.46 -13.18 -0.23
CA LEU A 54 8.30 -12.25 -0.96
C LEU A 54 7.91 -10.83 -0.56
N ASP A 55 8.90 -10.07 -0.08
CA ASP A 55 8.74 -8.64 0.13
C ASP A 55 9.44 -7.99 -1.04
N ILE A 56 8.72 -7.22 -1.83
CA ILE A 56 9.33 -6.60 -3.01
C ILE A 56 9.29 -5.09 -2.85
N LEU A 57 10.46 -4.46 -2.93
CA LEU A 57 10.60 -3.01 -2.94
C LEU A 57 10.83 -2.59 -4.38
N ASP A 58 9.88 -1.86 -4.93
CA ASP A 58 9.94 -1.36 -6.30
C ASP A 58 10.46 0.08 -6.23
N THR A 59 11.70 0.29 -6.67
CA THR A 59 12.35 1.60 -6.56
C THR A 59 12.16 2.41 -7.85
N ALA A 60 12.35 3.72 -7.72
CA ALA A 60 12.34 4.60 -8.87
C ALA A 60 13.65 4.49 -9.64
N GLY A 61 13.62 4.73 -10.94
CA GLY A 61 14.86 4.72 -11.74
C GLY A 61 15.64 6.02 -11.68
N GLN A 62 15.54 6.75 -10.58
CA GLN A 62 16.34 7.96 -10.41
C GLN A 62 17.56 7.65 -9.56
N GLU A 63 18.57 8.51 -9.67
CA GLU A 63 19.82 8.29 -8.93
C GLU A 63 20.15 9.38 -7.93
N GLU A 64 19.28 10.36 -7.72
CA GLU A 64 19.68 11.57 -6.99
C GLU A 64 19.81 11.35 -5.49
N TYR A 65 18.90 10.57 -4.90
CA TYR A 65 18.74 10.49 -3.44
C TYR A 65 19.57 9.32 -2.89
N SER A 66 20.87 9.57 -2.74
CA SER A 66 21.79 8.49 -2.39
C SER A 66 21.57 8.00 -0.96
N ALA A 67 21.20 8.87 -0.02
CA ALA A 67 20.96 8.42 1.34
C ALA A 67 19.86 7.38 1.37
N MET A 68 18.74 7.66 0.72
N MET A 68 18.74 7.66 0.72
CA MET A 68 17.63 6.71 0.67
CA MET A 68 17.64 6.71 0.68
C MET A 68 18.02 5.45 -0.09
C MET A 68 18.02 5.45 -0.09
N ARG A 69 18.63 5.62 -1.26
CA ARG A 69 18.98 4.45 -2.07
C ARG A 69 19.99 3.55 -1.38
N ASP A 70 20.94 4.13 -0.65
CA ASP A 70 21.85 3.30 0.12
C ASP A 70 21.11 2.49 1.17
N GLN A 71 20.12 3.08 1.84
CA GLN A 71 19.34 2.31 2.82
C GLN A 71 18.56 1.18 2.15
N TYR A 72 18.01 1.42 0.95
CA TYR A 72 17.38 0.33 0.21
C TYR A 72 18.36 -0.83 0.05
N MET A 73 19.61 -0.51 -0.29
CA MET A 73 20.60 -1.55 -0.53
C MET A 73 21.05 -2.23 0.76
N ARG A 74 21.18 -1.47 1.86
CA ARG A 74 21.56 -2.08 3.13
C ARG A 74 20.51 -3.09 3.59
N THR A 75 19.24 -2.73 3.50
CA THR A 75 18.15 -3.60 3.97
C THR A 75 17.89 -4.75 3.01
N GLY A 76 18.00 -4.52 1.71
CA GLY A 76 17.64 -5.55 0.75
C GLY A 76 18.57 -6.75 0.82
N GLU A 77 18.01 -7.93 0.58
CA GLU A 77 18.79 -9.17 0.57
C GLU A 77 19.18 -9.61 -0.83
N GLY A 78 18.39 -9.29 -1.83
CA GLY A 78 18.70 -9.65 -3.21
C GLY A 78 18.16 -8.58 -4.13
N PHE A 79 18.83 -8.41 -5.28
CA PHE A 79 18.58 -7.30 -6.20
C PHE A 79 18.28 -7.82 -7.60
N LEU A 80 17.15 -7.41 -8.14
CA LEU A 80 16.82 -7.64 -9.53
C LEU A 80 17.29 -6.40 -10.28
N CYS A 81 18.34 -6.56 -11.10
CA CYS A 81 18.94 -5.44 -11.82
C CYS A 81 18.42 -5.48 -13.24
N VAL A 82 17.51 -4.56 -13.56
CA VAL A 82 16.73 -4.62 -14.79
C VAL A 82 17.27 -3.62 -15.80
N PHE A 83 17.42 -4.06 -17.05
CA PHE A 83 17.59 -3.15 -18.18
C PHE A 83 16.58 -3.54 -19.24
N ALA A 84 16.39 -2.70 -20.24
CA ALA A 84 15.48 -3.00 -21.35
C ALA A 84 16.30 -3.32 -22.59
N ILE A 85 15.91 -4.37 -23.30
CA ILE A 85 16.69 -4.85 -24.45
C ILE A 85 16.67 -3.89 -25.62
N ASN A 86 15.81 -2.87 -25.59
CA ASN A 86 15.77 -1.84 -26.61
C ASN A 86 16.29 -0.50 -26.09
N ASN A 87 17.10 -0.51 -25.03
CA ASN A 87 17.62 0.71 -24.42
C ASN A 87 19.08 0.42 -24.04
N THR A 88 20.00 0.77 -24.94
CA THR A 88 21.41 0.48 -24.71
C THR A 88 21.96 1.22 -23.49
N LYS A 89 21.56 2.48 -23.29
CA LYS A 89 21.99 3.21 -22.10
C LYS A 89 21.60 2.46 -20.82
N SER A 90 20.40 1.90 -20.79
CA SER A 90 19.98 1.18 -19.59
C SER A 90 20.88 -0.01 -19.31
N PHE A 91 21.36 -0.68 -20.38
CA PHE A 91 22.30 -1.77 -20.19
C PHE A 91 23.66 -1.26 -19.71
N GLU A 92 24.13 -0.15 -20.30
CA GLU A 92 25.36 0.47 -19.83
C GLU A 92 25.25 0.93 -18.38
N ASP A 93 24.04 1.26 -17.92
CA ASP A 93 23.85 1.69 -16.53
C ASP A 93 24.04 0.55 -15.54
N ILE A 94 23.94 -0.70 -15.99
CA ILE A 94 23.89 -1.83 -15.05
C ILE A 94 25.12 -1.84 -14.14
N HIS A 95 26.32 -1.61 -14.70
CA HIS A 95 27.51 -1.76 -13.87
C HIS A 95 27.51 -0.77 -12.69
N HIS A 96 26.88 0.40 -12.86
CA HIS A 96 26.78 1.35 -11.76
C HIS A 96 25.95 0.78 -10.61
N TYR A 97 24.82 0.13 -10.93
CA TYR A 97 24.01 -0.49 -9.87
C TYR A 97 24.79 -1.57 -9.14
N ARG A 98 25.49 -2.45 -9.88
CA ARG A 98 26.27 -3.49 -9.22
C ARG A 98 27.36 -2.89 -8.34
N GLU A 99 28.04 -1.87 -8.82
CA GLU A 99 29.08 -1.22 -8.02
C GLU A 99 28.49 -0.60 -6.76
N GLN A 100 27.36 0.08 -6.86
CA GLN A 100 26.72 0.69 -5.69
CA GLN A 100 26.78 0.69 -5.67
C GLN A 100 26.32 -0.37 -4.66
N ILE A 101 25.71 -1.46 -5.12
CA ILE A 101 25.30 -2.52 -4.20
C ILE A 101 26.51 -3.12 -3.49
N LYS A 102 27.58 -3.40 -4.24
CA LYS A 102 28.77 -3.98 -3.61
C LYS A 102 29.38 -3.01 -2.61
N ARG A 103 29.41 -1.73 -2.94
CA ARG A 103 29.97 -0.71 -2.05
C ARG A 103 29.17 -0.59 -0.77
N VAL A 104 27.84 -0.49 -0.89
CA VAL A 104 26.99 -0.28 0.26
C VAL A 104 26.99 -1.50 1.17
N LYS A 105 26.96 -2.69 0.60
CA LYS A 105 26.93 -3.91 1.38
C LYS A 105 28.31 -4.46 1.68
N ASP A 106 29.36 -3.79 1.20
CA ASP A 106 30.75 -4.13 1.50
C ASP A 106 31.04 -5.59 1.18
N SER A 107 30.65 -6.02 -0.02
CA SER A 107 30.80 -7.42 -0.39
C SER A 107 30.92 -7.54 -1.90
N GLU A 108 31.72 -8.49 -2.36
CA GLU A 108 31.74 -8.82 -3.77
C GLU A 108 30.76 -9.93 -4.13
N ASP A 109 30.02 -10.46 -3.16
CA ASP A 109 29.10 -11.58 -3.37
C ASP A 109 27.75 -11.18 -2.77
N VAL A 110 26.92 -10.51 -3.56
CA VAL A 110 25.59 -10.09 -3.16
C VAL A 110 24.58 -10.77 -4.08
N PRO A 111 23.53 -11.40 -3.54
CA PRO A 111 22.54 -12.04 -4.42
C PRO A 111 21.95 -11.04 -5.39
N MET A 112 22.09 -11.35 -6.68
CA MET A 112 21.53 -10.49 -7.71
C MET A 112 21.30 -11.28 -8.99
N VAL A 113 20.35 -10.79 -9.78
CA VAL A 113 20.00 -11.40 -11.06
C VAL A 113 19.93 -10.27 -12.08
N LEU A 114 20.55 -10.48 -13.25
CA LEU A 114 20.48 -9.52 -14.34
C LEU A 114 19.27 -9.85 -15.20
N VAL A 115 18.41 -8.85 -15.43
CA VAL A 115 17.16 -9.05 -16.15
C VAL A 115 17.14 -8.15 -17.38
N GLY A 116 16.98 -8.77 -18.55
CA GLY A 116 16.80 -8.01 -19.78
C GLY A 116 15.34 -8.06 -20.19
N ASN A 117 14.64 -6.95 -19.98
CA ASN A 117 13.19 -6.89 -20.12
C ASN A 117 12.79 -6.32 -21.48
N LYS A 118 11.50 -6.43 -21.78
CA LYS A 118 10.88 -5.98 -23.05
C LYS A 118 11.26 -6.87 -24.23
N CYS A 119 11.50 -8.15 -23.98
CA CYS A 119 11.94 -9.04 -25.06
CA CYS A 119 11.93 -9.05 -25.04
C CYS A 119 10.85 -9.31 -26.08
N ASP A 120 9.61 -8.87 -25.84
CA ASP A 120 8.56 -8.99 -26.84
C ASP A 120 8.68 -7.96 -27.95
N LEU A 121 9.54 -6.91 -27.77
CA LEU A 121 9.49 -5.79 -28.72
C LEU A 121 10.41 -6.04 -29.91
N PRO A 122 10.11 -5.45 -31.07
CA PRO A 122 10.92 -5.68 -32.28
C PRO A 122 12.09 -4.71 -32.45
N SER A 123 12.46 -3.96 -31.42
CA SER A 123 13.39 -2.85 -31.51
C SER A 123 14.68 -3.09 -30.72
N ARG A 124 15.08 -4.35 -30.56
CA ARG A 124 16.25 -4.71 -29.76
C ARG A 124 17.50 -3.95 -30.21
N THR A 125 18.24 -3.47 -29.22
CA THR A 125 19.56 -2.87 -29.42
C THR A 125 20.65 -3.57 -28.62
N VAL A 126 20.30 -4.40 -27.62
CA VAL A 126 21.27 -5.11 -26.80
C VAL A 126 21.16 -6.60 -27.12
N ASP A 127 22.25 -7.19 -27.61
CA ASP A 127 22.23 -8.62 -27.93
C ASP A 127 22.20 -9.45 -26.65
N THR A 128 21.46 -10.57 -26.70
CA THR A 128 21.44 -11.50 -25.58
C THR A 128 22.85 -11.94 -25.20
N LYS A 129 23.68 -12.23 -26.20
CA LYS A 129 25.06 -12.63 -25.92
C LYS A 129 25.81 -11.60 -25.08
N GLN A 130 25.63 -10.30 -25.39
CA GLN A 130 26.33 -9.27 -24.62
CA GLN A 130 26.30 -9.25 -24.63
C GLN A 130 25.90 -9.31 -23.16
N ALA A 131 24.61 -9.48 -22.90
CA ALA A 131 24.13 -9.52 -21.53
C ALA A 131 24.57 -10.81 -20.83
N GLN A 132 24.53 -11.94 -21.55
CA GLN A 132 25.01 -13.19 -20.99
C GLN A 132 26.46 -13.07 -20.54
N ASP A 133 27.30 -12.45 -21.39
CA ASP A 133 28.72 -12.28 -21.05
C ASP A 133 28.91 -11.38 -19.84
N LEU A 134 28.13 -10.29 -19.74
CA LEU A 134 28.23 -9.43 -18.58
C LEU A 134 27.87 -10.19 -17.31
N ALA A 135 26.75 -10.92 -17.33
CA ALA A 135 26.35 -11.70 -16.17
C ALA A 135 27.40 -12.72 -15.79
N ARG A 136 28.00 -13.38 -16.78
CA ARG A 136 29.07 -14.33 -16.49
C ARG A 136 30.24 -13.65 -15.78
N SER A 137 30.58 -12.43 -16.21
CA SER A 137 31.70 -11.72 -15.59
C SER A 137 31.40 -11.37 -14.14
N TYR A 138 30.13 -11.24 -13.79
CA TYR A 138 29.69 -10.96 -12.44
C TYR A 138 29.44 -12.22 -11.63
N GLY A 139 29.39 -13.38 -12.28
CA GLY A 139 29.00 -14.61 -11.63
C GLY A 139 27.54 -14.69 -11.22
N ILE A 140 26.64 -14.07 -11.97
CA ILE A 140 25.23 -14.02 -11.58
C ILE A 140 24.35 -14.52 -12.73
N PRO A 141 23.12 -14.95 -12.44
CA PRO A 141 22.23 -15.39 -13.52
C PRO A 141 21.76 -14.24 -14.38
N PHE A 142 21.43 -14.55 -15.63
CA PHE A 142 20.81 -13.62 -16.57
C PHE A 142 19.52 -14.22 -17.09
N ILE A 143 18.45 -13.43 -17.08
CA ILE A 143 17.13 -13.91 -17.50
C ILE A 143 16.49 -12.86 -18.38
N GLU A 144 16.02 -13.27 -19.55
CA GLU A 144 15.27 -12.38 -20.44
C GLU A 144 13.80 -12.47 -20.11
N THR A 145 13.14 -11.31 -20.01
CA THR A 145 11.75 -11.26 -19.60
C THR A 145 10.93 -10.38 -20.54
N SER A 146 9.61 -10.58 -20.47
CA SER A 146 8.66 -9.60 -20.95
C SER A 146 7.54 -9.48 -19.93
N ALA A 147 7.41 -8.30 -19.32
CA ALA A 147 6.26 -8.07 -18.45
C ALA A 147 4.96 -8.08 -19.23
N LYS A 148 5.01 -7.82 -20.54
CA LYS A 148 3.79 -7.80 -21.34
C LYS A 148 3.24 -9.22 -21.54
N THR A 149 4.09 -10.16 -21.95
CA THR A 149 3.65 -11.52 -22.21
C THR A 149 3.79 -12.44 -21.01
N ARG A 150 4.43 -11.96 -19.95
CA ARG A 150 4.78 -12.70 -18.73
C ARG A 150 5.97 -13.64 -18.92
N GLN A 151 6.59 -13.70 -20.10
CA GLN A 151 7.77 -14.56 -20.27
C GLN A 151 8.84 -14.23 -19.23
N GLY A 152 9.28 -15.25 -18.51
CA GLY A 152 10.42 -15.14 -17.63
C GLY A 152 10.17 -14.44 -16.32
N VAL A 153 8.96 -13.94 -16.08
CA VAL A 153 8.71 -13.12 -14.89
C VAL A 153 8.89 -13.93 -13.61
N ASP A 154 8.18 -15.06 -13.50
CA ASP A 154 8.36 -15.92 -12.33
C ASP A 154 9.81 -16.37 -12.22
N ASP A 155 10.42 -16.76 -13.34
CA ASP A 155 11.79 -17.24 -13.34
C ASP A 155 12.76 -16.20 -12.78
N ALA A 156 12.56 -14.92 -13.14
CA ALA A 156 13.47 -13.88 -12.65
C ALA A 156 13.39 -13.73 -11.14
N PHE A 157 12.17 -13.57 -10.60
CA PHE A 157 12.03 -13.41 -9.16
C PHE A 157 12.40 -14.69 -8.41
N TYR A 158 11.98 -15.85 -8.90
CA TYR A 158 12.28 -17.10 -8.20
C TYR A 158 13.77 -17.39 -8.22
N THR A 159 14.44 -17.09 -9.35
CA THR A 159 15.88 -17.29 -9.38
C THR A 159 16.57 -16.40 -8.35
N LEU A 160 16.09 -15.16 -8.18
CA LEU A 160 16.67 -14.30 -7.16
C LEU A 160 16.51 -14.89 -5.76
N VAL A 161 15.33 -15.43 -5.45
CA VAL A 161 15.13 -16.10 -4.17
C VAL A 161 16.13 -17.23 -4.00
N ARG A 162 16.32 -18.03 -5.05
CA ARG A 162 17.28 -19.13 -4.97
C ARG A 162 18.70 -18.62 -4.72
N GLU A 163 19.05 -17.47 -5.29
CA GLU A 163 20.38 -16.90 -5.06
C GLU A 163 20.54 -16.46 -3.60
N ILE A 164 19.49 -15.88 -3.01
CA ILE A 164 19.57 -15.49 -1.60
C ILE A 164 19.72 -16.72 -0.73
N ARG A 165 18.91 -17.75 -1.03
CA ARG A 165 18.93 -18.98 -0.23
C ARG A 165 20.31 -19.61 -0.27
N LYS A 166 20.90 -19.71 -1.46
CA LYS A 166 22.24 -20.27 -1.58
C LYS A 166 23.25 -19.44 -0.80
N HIS A 167 23.17 -18.11 -0.92
CA HIS A 167 24.09 -17.24 -0.19
C HIS A 167 23.97 -17.41 1.32
N LYS A 168 22.74 -17.48 1.83
CA LYS A 168 22.56 -17.57 3.27
C LYS A 168 23.01 -18.93 3.83
N GLU A 169 22.92 -19.98 3.03
CA GLU A 169 23.25 -21.34 3.48
C GLU A 169 24.67 -21.77 3.18
N LYS A 170 25.48 -20.93 2.55
CA LYS A 170 26.85 -21.27 2.14
C LYS A 170 27.60 -22.14 3.13
N SER B 1 24.11 9.27 8.60
CA SER B 1 23.50 8.20 7.83
C SER B 1 22.06 7.94 8.30
N MET B 2 21.52 6.79 7.95
CA MET B 2 20.23 6.37 8.49
C MET B 2 20.28 4.87 8.75
N THR B 3 19.25 4.41 9.45
CA THR B 3 19.01 3.00 9.72
C THR B 3 17.55 2.69 9.37
N GLU B 4 17.17 1.43 9.48
CA GLU B 4 15.81 1.00 9.20
C GLU B 4 15.42 -0.05 10.22
N TYR B 5 14.18 0.02 10.72
CA TYR B 5 13.70 -0.89 11.76
C TYR B 5 12.39 -1.52 11.33
N LYS B 6 12.30 -2.85 11.44
N LYS B 6 12.29 -2.84 11.49
CA LYS B 6 11.07 -3.59 11.20
CA LYS B 6 11.06 -3.59 11.19
C LYS B 6 10.32 -3.73 12.51
C LYS B 6 10.29 -3.77 12.49
N LEU B 7 9.22 -2.99 12.66
CA LEU B 7 8.41 -3.00 13.85
C LEU B 7 7.13 -3.76 13.56
N VAL B 8 6.68 -4.58 14.50
CA VAL B 8 5.47 -5.38 14.35
C VAL B 8 4.53 -5.06 15.50
N VAL B 9 3.27 -4.75 15.17
CA VAL B 9 2.27 -4.38 16.16
C VAL B 9 1.33 -5.57 16.33
N VAL B 10 1.28 -6.11 17.55
CA VAL B 10 0.48 -7.29 17.87
C VAL B 10 -0.42 -6.99 19.06
N GLY B 11 -1.44 -7.83 19.22
CA GLY B 11 -2.42 -7.62 20.29
C GLY B 11 -3.79 -8.10 19.89
N ALA B 12 -4.67 -8.27 20.88
CA ALA B 12 -6.02 -8.82 20.62
C ALA B 12 -6.85 -7.92 19.72
N CYS B 13 -7.93 -8.51 19.22
CA CYS B 13 -8.83 -7.75 18.34
C CYS B 13 -9.36 -6.47 18.99
N GLY B 14 -9.34 -5.40 18.23
CA GLY B 14 -9.94 -4.13 18.69
C GLY B 14 -9.18 -3.35 19.74
N VAL B 15 -7.95 -3.71 20.05
CA VAL B 15 -7.24 -2.97 21.15
C VAL B 15 -6.73 -1.63 20.63
N GLY B 16 -6.64 -1.45 19.32
CA GLY B 16 -6.16 -0.21 18.76
C GLY B 16 -4.84 -0.29 18.02
N LYS B 17 -4.45 -1.47 17.57
CA LYS B 17 -3.18 -1.64 16.82
C LYS B 17 -3.17 -0.71 15.60
N SER B 18 -4.25 -0.75 14.83
CA SER B 18 -4.30 0.06 13.61
C SER B 18 -4.45 1.53 13.93
N ALA B 19 -5.27 1.89 14.91
CA ALA B 19 -5.43 3.28 15.27
C ALA B 19 -4.10 3.90 15.71
N LEU B 20 -3.32 3.16 16.49
CA LEU B 20 -1.98 3.64 16.88
C LEU B 20 -1.09 3.83 15.65
N THR B 21 -1.09 2.85 14.76
CA THR B 21 -0.25 2.92 13.57
C THR B 21 -0.67 4.09 12.69
N ILE B 22 -1.97 4.25 12.46
CA ILE B 22 -2.43 5.31 11.57
C ILE B 22 -2.16 6.69 12.17
N GLN B 23 -2.24 6.82 13.49
CA GLN B 23 -1.84 8.08 14.10
C GLN B 23 -0.37 8.39 13.84
N LEU B 24 0.48 7.37 13.88
CA LEU B 24 1.89 7.60 13.62
C LEU B 24 2.13 7.94 12.15
N ILE B 25 1.55 7.17 11.23
CA ILE B 25 1.81 7.37 9.81
C ILE B 25 1.12 8.63 9.31
N GLN B 26 -0.14 8.82 9.68
CA GLN B 26 -0.99 9.81 9.03
C GLN B 26 -1.52 10.91 9.93
N ASN B 27 -1.25 10.86 11.23
CA ASN B 27 -1.63 11.95 12.15
C ASN B 27 -3.14 12.17 12.22
N HIS B 28 -3.92 11.09 12.25
CA HIS B 28 -5.35 11.26 12.46
C HIS B 28 -5.94 9.99 13.04
N PHE B 29 -7.18 10.12 13.53
CA PHE B 29 -7.90 9.06 14.23
C PHE B 29 -9.36 9.10 13.78
N VAL B 30 -9.95 7.92 13.58
CA VAL B 30 -11.38 7.79 13.33
C VAL B 30 -11.96 6.81 14.35
N ASP B 31 -13.20 7.06 14.76
CA ASP B 31 -13.90 6.12 15.63
C ASP B 31 -14.28 4.84 14.89
N GLU B 32 -14.27 4.86 13.57
CA GLU B 32 -14.74 3.72 12.81
C GLU B 32 -13.74 2.56 12.88
N TYR B 33 -14.29 1.36 13.05
CA TYR B 33 -13.47 0.13 13.15
C TYR B 33 -13.41 -0.54 11.80
N ASP B 34 -12.20 -0.69 11.27
CA ASP B 34 -11.97 -1.41 10.03
C ASP B 34 -11.07 -2.60 10.36
N PRO B 35 -11.64 -3.79 10.58
CA PRO B 35 -10.83 -4.95 11.01
C PRO B 35 -9.73 -5.28 10.01
N THR B 36 -8.52 -5.48 10.54
CA THR B 36 -7.34 -5.69 9.72
C THR B 36 -7.23 -7.12 9.20
N ILE B 37 -6.78 -7.25 7.96
CA ILE B 37 -6.22 -8.50 7.45
C ILE B 37 -4.72 -8.40 7.67
N GLU B 38 -4.08 -7.46 6.98
CA GLU B 38 -2.65 -7.19 7.14
C GLU B 38 -2.35 -5.91 6.39
N ASP B 39 -1.57 -5.02 7.00
CA ASP B 39 -1.16 -3.79 6.35
C ASP B 39 0.26 -3.46 6.79
N SER B 40 0.97 -2.78 5.90
CA SER B 40 2.34 -2.37 6.14
C SER B 40 2.51 -0.92 5.74
N TYR B 41 3.37 -0.21 6.47
CA TYR B 41 3.56 1.21 6.24
C TYR B 41 5.04 1.50 6.41
N ARG B 42 5.48 2.60 5.80
CA ARG B 42 6.86 3.06 5.91
C ARG B 42 6.85 4.54 6.17
N LYS B 43 7.75 5.01 7.04
CA LYS B 43 7.85 6.42 7.39
C LYS B 43 9.26 6.73 7.84
N GLN B 44 9.79 7.85 7.36
CA GLN B 44 11.11 8.32 7.79
C GLN B 44 10.93 9.29 8.95
N VAL B 45 11.67 9.06 10.04
CA VAL B 45 11.56 9.86 11.25
C VAL B 45 12.96 10.12 11.78
N VAL B 46 13.05 11.05 12.74
CA VAL B 46 14.28 11.30 13.47
C VAL B 46 14.00 11.02 14.94
N ILE B 47 14.72 10.08 15.52
CA ILE B 47 14.55 9.69 16.91
C ILE B 47 15.87 9.91 17.62
N ASP B 48 15.86 10.75 18.66
CA ASP B 48 17.09 11.11 19.39
C ASP B 48 18.20 11.58 18.46
N GLY B 49 17.85 12.37 17.46
CA GLY B 49 18.82 12.93 16.54
C GLY B 49 19.28 12.00 15.44
N GLU B 50 18.80 10.77 15.39
CA GLU B 50 19.24 9.81 14.39
C GLU B 50 18.10 9.46 13.45
N THR B 51 18.31 9.65 12.15
CA THR B 51 17.28 9.41 11.15
C THR B 51 17.11 7.91 10.92
N CYS B 52 15.85 7.50 10.77
CA CYS B 52 15.61 6.11 10.44
C CYS B 52 14.32 5.96 9.65
N LEU B 53 14.25 4.83 8.96
CA LEU B 53 13.05 4.40 8.26
C LEU B 53 12.36 3.39 9.17
N LEU B 54 11.09 3.63 9.47
CA LEU B 54 10.29 2.67 10.20
C LEU B 54 9.44 1.90 9.20
N ASP B 55 9.55 0.58 9.24
CA ASP B 55 8.68 -0.31 8.49
C ASP B 55 7.75 -0.93 9.52
N ILE B 56 6.47 -0.59 9.47
CA ILE B 56 5.53 -1.04 10.48
C ILE B 56 4.61 -2.08 9.86
N LEU B 57 4.58 -3.26 10.46
CA LEU B 57 3.65 -4.33 10.08
C LEU B 57 2.50 -4.33 11.08
N ASP B 58 1.30 -4.02 10.60
CA ASP B 58 0.10 -3.94 11.42
C ASP B 58 -0.62 -5.26 11.22
N THR B 59 -0.61 -6.12 12.24
CA THR B 59 -1.18 -7.45 12.13
C THR B 59 -2.64 -7.44 12.60
N ALA B 60 -3.36 -8.50 12.23
CA ALA B 60 -4.72 -8.69 12.70
C ALA B 60 -4.72 -9.24 14.12
N GLY B 61 -5.81 -9.00 14.86
CA GLY B 61 -5.94 -9.58 16.21
C GLY B 61 -6.28 -11.07 16.17
N GLN B 62 -6.55 -11.62 15.00
CA GLN B 62 -6.93 -13.01 14.92
C GLN B 62 -5.76 -13.92 15.31
N GLU B 63 -6.09 -15.12 15.75
CA GLU B 63 -5.11 -16.05 16.30
C GLU B 63 -4.82 -17.25 15.41
N GLU B 64 -5.57 -17.45 14.34
CA GLU B 64 -5.33 -18.58 13.46
C GLU B 64 -4.10 -18.29 12.58
N TYR B 65 -3.79 -19.24 11.70
CA TYR B 65 -2.71 -19.12 10.73
C TYR B 65 -1.36 -18.95 11.42
N SER B 66 -1.01 -19.97 12.21
CA SER B 66 0.21 -19.88 13.01
C SER B 66 1.46 -19.79 12.14
N ALA B 67 1.44 -20.38 10.95
CA ALA B 67 2.61 -20.27 10.08
C ALA B 67 2.87 -18.82 9.67
N MET B 68 1.80 -18.10 9.33
CA MET B 68 1.98 -16.69 8.98
C MET B 68 2.32 -15.86 10.21
N ARG B 69 1.65 -16.11 11.33
CA ARG B 69 1.97 -15.33 12.54
C ARG B 69 3.40 -15.57 13.01
N ASP B 70 3.87 -16.82 12.93
CA ASP B 70 5.27 -17.10 13.27
C ASP B 70 6.22 -16.33 12.36
N GLN B 71 5.89 -16.26 11.07
CA GLN B 71 6.76 -15.50 10.14
C GLN B 71 6.82 -14.03 10.53
N TYR B 72 5.69 -13.45 10.93
CA TYR B 72 5.70 -12.05 11.36
C TYR B 72 6.73 -11.84 12.45
N MET B 73 6.79 -12.76 13.39
CA MET B 73 7.73 -12.63 14.50
CA MET B 73 7.73 -12.62 14.49
C MET B 73 9.16 -12.94 14.08
N ARG B 74 9.34 -13.89 13.16
CA ARG B 74 10.67 -14.26 12.73
C ARG B 74 11.44 -13.06 12.17
N THR B 75 10.81 -12.26 11.34
CA THR B 75 11.55 -11.16 10.75
C THR B 75 11.32 -9.81 11.40
N GLY B 76 10.39 -9.71 12.35
CA GLY B 76 10.25 -8.47 13.10
C GLY B 76 11.45 -8.27 14.01
N GLU B 77 11.90 -7.02 14.11
CA GLU B 77 12.99 -6.67 15.00
C GLU B 77 12.53 -6.19 16.36
N GLY B 78 11.35 -5.59 16.42
CA GLY B 78 10.79 -5.14 17.70
C GLY B 78 9.28 -5.22 17.63
N PHE B 79 8.67 -5.40 18.80
CA PHE B 79 7.25 -5.72 18.89
C PHE B 79 6.56 -4.75 19.83
N LEU B 80 5.47 -4.15 19.35
CA LEU B 80 4.58 -3.36 20.18
C LEU B 80 3.46 -4.30 20.59
N CYS B 81 3.43 -4.67 21.86
CA CYS B 81 2.44 -5.61 22.38
C CYS B 81 1.35 -4.78 23.04
N VAL B 82 0.20 -4.67 22.38
CA VAL B 82 -0.86 -3.72 22.72
C VAL B 82 -1.98 -4.45 23.41
N PHE B 83 -2.47 -3.91 24.52
CA PHE B 83 -3.75 -4.28 25.09
C PHE B 83 -4.54 -3.00 25.28
N ALA B 84 -5.83 -3.15 25.59
CA ALA B 84 -6.66 -1.98 25.86
C ALA B 84 -6.94 -1.94 27.36
N ILE B 85 -6.84 -0.74 27.94
CA ILE B 85 -7.00 -0.61 29.38
C ILE B 85 -8.43 -0.89 29.85
N ASN B 86 -9.39 -0.98 28.94
CA ASN B 86 -10.77 -1.33 29.27
C ASN B 86 -11.14 -2.72 28.78
N ASN B 87 -10.14 -3.59 28.56
CA ASN B 87 -10.36 -4.95 28.06
C ASN B 87 -9.41 -5.86 28.85
N THR B 88 -9.93 -6.43 29.93
CA THR B 88 -9.11 -7.27 30.79
C THR B 88 -8.59 -8.50 30.05
N LYS B 89 -9.42 -9.11 29.21
CA LYS B 89 -8.96 -10.27 28.45
C LYS B 89 -7.76 -9.92 27.57
N SER B 90 -7.79 -8.75 26.93
CA SER B 90 -6.67 -8.38 26.07
C SER B 90 -5.38 -8.28 26.86
N PHE B 91 -5.46 -7.83 28.11
CA PHE B 91 -4.28 -7.78 28.97
C PHE B 91 -3.84 -9.19 29.36
N GLU B 92 -4.79 -10.05 29.70
CA GLU B 92 -4.47 -11.44 30.02
C GLU B 92 -3.89 -12.17 28.81
N ASP B 93 -4.19 -11.72 27.60
CA ASP B 93 -3.64 -12.32 26.38
C ASP B 93 -2.17 -11.97 26.16
N ILE B 94 -1.63 -10.99 26.87
CA ILE B 94 -0.32 -10.45 26.50
C ILE B 94 0.77 -11.51 26.60
N HIS B 95 0.75 -12.32 27.67
CA HIS B 95 1.83 -13.29 27.86
C HIS B 95 1.94 -14.27 26.71
N HIS B 96 0.82 -14.58 26.04
CA HIS B 96 0.87 -15.47 24.87
C HIS B 96 1.71 -14.87 23.75
N TYR B 97 1.57 -13.57 23.49
CA TYR B 97 2.39 -12.92 22.46
C TYR B 97 3.87 -12.98 22.83
N ARG B 98 4.21 -12.67 24.08
CA ARG B 98 5.62 -12.71 24.47
C ARG B 98 6.20 -14.12 24.37
N GLU B 99 5.43 -15.13 24.79
CA GLU B 99 5.90 -16.50 24.66
C GLU B 99 6.10 -16.87 23.19
N GLN B 100 5.17 -16.48 22.32
CA GLN B 100 5.30 -16.79 20.89
C GLN B 100 6.55 -16.13 20.31
N ILE B 101 6.78 -14.87 20.64
CA ILE B 101 7.94 -14.15 20.10
C ILE B 101 9.23 -14.83 20.56
N LYS B 102 9.32 -15.16 21.85
CA LYS B 102 10.52 -15.79 22.39
C LYS B 102 10.78 -17.14 21.73
N ARG B 103 9.72 -17.94 21.50
CA ARG B 103 9.95 -19.24 20.90
C ARG B 103 10.36 -19.13 19.44
N VAL B 104 9.69 -18.25 18.67
CA VAL B 104 9.98 -18.12 17.26
C VAL B 104 11.40 -17.57 17.06
N LYS B 105 11.79 -16.61 17.89
CA LYS B 105 13.09 -15.98 17.75
C LYS B 105 14.18 -16.67 18.56
N ASP B 106 13.82 -17.74 19.27
CA ASP B 106 14.77 -18.54 20.03
C ASP B 106 15.61 -17.66 20.95
N SER B 107 14.92 -16.83 21.73
CA SER B 107 15.62 -15.90 22.61
C SER B 107 14.70 -15.45 23.74
N GLU B 108 15.30 -15.21 24.89
CA GLU B 108 14.56 -14.62 26.01
C GLU B 108 14.66 -13.10 26.05
N ASP B 109 15.41 -12.50 25.12
CA ASP B 109 15.64 -11.07 25.11
C ASP B 109 15.34 -10.55 23.71
N VAL B 110 14.09 -10.15 23.48
CA VAL B 110 13.66 -9.62 22.19
C VAL B 110 13.12 -8.21 22.44
N PRO B 111 13.50 -7.22 21.64
CA PRO B 111 13.00 -5.86 21.87
C PRO B 111 11.47 -5.80 21.79
N MET B 112 10.85 -5.30 22.85
CA MET B 112 9.41 -5.17 22.86
C MET B 112 9.01 -4.12 23.89
N VAL B 113 7.82 -3.58 23.69
CA VAL B 113 7.23 -2.56 24.57
C VAL B 113 5.80 -2.98 24.83
N LEU B 114 5.41 -2.95 26.10
CA LEU B 114 4.02 -3.19 26.48
C LEU B 114 3.26 -1.87 26.38
N VAL B 115 2.15 -1.89 25.64
CA VAL B 115 1.36 -0.68 25.35
C VAL B 115 -0.05 -0.88 25.90
N GLY B 116 -0.44 -0.03 26.85
CA GLY B 116 -1.82 0.01 27.30
C GLY B 116 -2.57 1.14 26.62
N ASN B 117 -3.38 0.81 25.62
CA ASN B 117 -4.03 1.80 24.77
C ASN B 117 -5.45 2.10 25.28
N LYS B 118 -6.03 3.18 24.74
CA LYS B 118 -7.36 3.68 25.08
C LYS B 118 -7.41 4.34 26.46
N CYS B 119 -6.31 4.98 26.88
CA CYS B 119 -6.28 5.60 28.21
CA CYS B 119 -6.28 5.61 28.20
C CYS B 119 -7.15 6.85 28.29
N ASP B 120 -7.72 7.30 27.18
CA ASP B 120 -8.69 8.40 27.24
C ASP B 120 -10.04 7.94 27.76
N LEU B 121 -10.30 6.64 27.77
CA LEU B 121 -11.65 6.17 28.07
C LEU B 121 -11.88 6.08 29.58
N PRO B 122 -13.11 6.35 30.03
CA PRO B 122 -13.40 6.31 31.47
C PRO B 122 -13.87 4.95 31.98
N SER B 123 -13.63 3.88 31.22
CA SER B 123 -14.13 2.55 31.53
C SER B 123 -13.01 1.57 31.83
N ARG B 124 -11.93 2.04 32.47
CA ARG B 124 -10.76 1.21 32.73
C ARG B 124 -11.10 -0.02 33.57
N THR B 125 -10.48 -1.14 33.20
CA THR B 125 -10.56 -2.38 33.98
C THR B 125 -9.19 -2.92 34.38
N VAL B 126 -8.12 -2.46 33.74
CA VAL B 126 -6.76 -2.89 34.06
C VAL B 126 -6.03 -1.73 34.71
N ASP B 127 -5.58 -1.93 35.95
CA ASP B 127 -4.85 -0.87 36.65
C ASP B 127 -3.48 -0.66 36.04
N THR B 128 -3.03 0.60 36.06
CA THR B 128 -1.67 0.93 35.63
C THR B 128 -0.63 0.09 36.37
N LYS B 129 -0.79 -0.05 37.68
CA LYS B 129 0.20 -0.78 38.48
C LYS B 129 0.32 -2.23 38.00
N GLN B 130 -0.81 -2.87 37.68
CA GLN B 130 -0.77 -4.25 37.22
C GLN B 130 0.06 -4.38 35.94
N ALA B 131 -0.11 -3.42 35.03
CA ALA B 131 0.64 -3.47 33.77
C ALA B 131 2.10 -3.11 33.99
N GLN B 132 2.38 -2.17 34.90
CA GLN B 132 3.76 -1.87 35.23
C GLN B 132 4.46 -3.10 35.80
N ASP B 133 3.79 -3.82 36.70
CA ASP B 133 4.39 -5.01 37.29
C ASP B 133 4.67 -6.08 36.24
N LEU B 134 3.73 -6.28 35.31
CA LEU B 134 3.96 -7.24 34.24
C LEU B 134 5.18 -6.86 33.40
N ALA B 135 5.23 -5.61 32.95
CA ALA B 135 6.36 -5.17 32.14
C ALA B 135 7.68 -5.31 32.90
N ARG B 136 7.66 -5.01 34.20
CA ARG B 136 8.87 -5.18 35.00
C ARG B 136 9.28 -6.64 35.08
N SER B 137 8.30 -7.54 35.20
CA SER B 137 8.62 -8.97 35.19
C SER B 137 9.27 -9.40 33.88
N TYR B 138 8.95 -8.70 32.78
CA TYR B 138 9.53 -8.99 31.48
C TYR B 138 10.83 -8.22 31.23
N GLY B 139 11.14 -7.21 32.03
CA GLY B 139 12.28 -6.36 31.77
C GLY B 139 12.10 -5.46 30.57
N ILE B 140 10.87 -5.00 30.33
CA ILE B 140 10.57 -4.19 29.15
C ILE B 140 9.83 -2.93 29.59
N PRO B 141 9.84 -1.91 28.74
CA PRO B 141 9.10 -0.69 29.06
C PRO B 141 7.59 -0.91 28.96
N PHE B 142 6.87 -0.11 29.75
CA PHE B 142 5.43 -0.02 29.68
C PHE B 142 5.06 1.42 29.37
N ILE B 143 4.17 1.62 28.41
CA ILE B 143 3.69 2.95 28.08
C ILE B 143 2.20 2.94 27.85
N GLU B 144 1.51 3.92 28.42
CA GLU B 144 0.09 4.13 28.20
C GLU B 144 -0.13 5.10 27.05
N THR B 145 -1.13 4.79 26.22
CA THR B 145 -1.37 5.56 25.00
C THR B 145 -2.86 5.78 24.81
N SER B 146 -3.16 6.79 24.00
CA SER B 146 -4.50 6.97 23.43
C SER B 146 -4.31 7.33 21.97
N ALA B 147 -4.71 6.42 21.07
CA ALA B 147 -4.70 6.78 19.66
C ALA B 147 -5.69 7.89 19.35
N LYS B 148 -6.70 8.07 20.20
CA LYS B 148 -7.69 9.11 19.95
C LYS B 148 -7.11 10.51 20.18
N THR B 149 -6.48 10.73 21.34
CA THR B 149 -5.91 12.04 21.64
C THR B 149 -4.47 12.16 21.17
N ARG B 150 -3.90 11.09 20.62
CA ARG B 150 -2.50 10.99 20.21
C ARG B 150 -1.52 10.89 21.37
N GLN B 151 -2.01 10.90 22.61
CA GLN B 151 -1.13 10.83 23.77
C GLN B 151 -0.28 9.55 23.73
N GLY B 152 1.03 9.72 23.86
CA GLY B 152 1.94 8.59 23.98
C GLY B 152 2.22 7.84 22.69
N VAL B 153 1.62 8.22 21.57
CA VAL B 153 1.79 7.45 20.34
C VAL B 153 3.25 7.47 19.89
N ASP B 154 3.82 8.66 19.71
CA ASP B 154 5.24 8.72 19.33
C ASP B 154 6.10 8.03 20.38
N ASP B 155 5.81 8.26 21.65
CA ASP B 155 6.60 7.66 22.72
C ASP B 155 6.61 6.14 22.60
N ALA B 156 5.47 5.53 22.26
CA ALA B 156 5.42 4.08 22.16
C ALA B 156 6.35 3.57 21.06
N PHE B 157 6.24 4.13 19.87
CA PHE B 157 7.07 3.66 18.76
C PHE B 157 8.54 4.04 18.96
N TYR B 158 8.80 5.25 19.48
CA TYR B 158 10.18 5.69 19.67
C TYR B 158 10.86 4.87 20.77
N THR B 159 10.13 4.56 21.84
CA THR B 159 10.68 3.71 22.89
C THR B 159 11.02 2.33 22.33
N LEU B 160 10.21 1.81 21.42
CA LEU B 160 10.54 0.52 20.83
C LEU B 160 11.82 0.60 20.00
N VAL B 161 11.98 1.68 19.22
CA VAL B 161 13.25 1.89 18.51
C VAL B 161 14.41 1.93 19.48
N ARG B 162 14.27 2.66 20.60
CA ARG B 162 15.32 2.69 21.60
C ARG B 162 15.63 1.31 22.15
N GLU B 163 14.59 0.48 22.35
CA GLU B 163 14.82 -0.89 22.80
C GLU B 163 15.61 -1.70 21.79
N ILE B 164 15.34 -1.51 20.49
CA ILE B 164 16.14 -2.17 19.45
C ILE B 164 17.58 -1.68 19.51
N ARG B 165 17.77 -0.35 19.56
CA ARG B 165 19.11 0.22 19.62
C ARG B 165 19.87 -0.28 20.85
N LYS B 166 19.20 -0.33 21.99
CA LYS B 166 19.82 -0.86 23.22
C LYS B 166 20.22 -2.32 23.03
N HIS B 167 19.34 -3.11 22.41
CA HIS B 167 19.62 -4.52 22.18
C HIS B 167 20.83 -4.70 21.27
N LYS B 168 20.92 -3.92 20.19
CA LYS B 168 22.02 -4.06 19.25
CA LYS B 168 22.03 -4.04 19.24
C LYS B 168 23.34 -3.60 19.86
N GLU B 169 23.31 -2.72 20.85
CA GLU B 169 24.53 -2.23 21.46
C GLU B 169 25.17 -3.28 22.36
N LYS B 170 24.40 -4.27 22.81
CA LYS B 170 24.91 -5.26 23.76
C LYS B 170 25.99 -6.16 23.13
N MET C 2 8.98 46.61 -16.40
CA MET C 2 7.58 46.32 -16.13
C MET C 2 7.43 45.44 -14.88
N VAL C 3 6.23 45.40 -14.33
CA VAL C 3 5.96 44.74 -13.06
C VAL C 3 5.74 43.25 -13.27
N ASN C 4 6.16 42.45 -12.28
CA ASN C 4 6.03 41.00 -12.38
C ASN C 4 4.55 40.61 -12.41
N PRO C 5 4.15 39.72 -13.29
CA PRO C 5 2.74 39.35 -13.35
C PRO C 5 2.34 38.47 -12.16
N THR C 6 1.05 38.51 -11.85
CA THR C 6 0.45 37.67 -10.82
CA THR C 6 0.47 37.66 -10.83
C THR C 6 -0.60 36.78 -11.48
N VAL C 7 -0.60 35.50 -11.14
CA VAL C 7 -1.61 34.58 -11.65
C VAL C 7 -2.25 33.86 -10.48
N PHE C 8 -3.43 33.32 -10.73
CA PHE C 8 -4.18 32.61 -9.69
C PHE C 8 -4.62 31.24 -10.16
N PHE C 9 -4.72 30.32 -9.21
CA PHE C 9 -5.39 29.04 -9.37
C PHE C 9 -6.50 28.97 -8.34
N ASP C 10 -7.71 28.61 -8.78
CA ASP C 10 -8.77 28.21 -7.86
C ASP C 10 -8.74 26.69 -7.74
N ILE C 11 -8.40 26.20 -6.56
CA ILE C 11 -8.18 24.77 -6.32
C ILE C 11 -9.49 24.15 -5.89
N ALA C 12 -9.76 22.95 -6.40
CA ALA C 12 -10.95 22.20 -6.01
C ALA C 12 -10.55 20.80 -5.59
N VAL C 13 -11.37 20.22 -4.72
CA VAL C 13 -11.17 18.87 -4.19
C VAL C 13 -12.41 18.09 -4.58
N ASP C 14 -12.27 17.11 -5.47
CA ASP C 14 -13.42 16.42 -6.05
C ASP C 14 -14.49 17.42 -6.50
N GLY C 15 -14.05 18.52 -7.11
CA GLY C 15 -14.95 19.53 -7.64
C GLY C 15 -15.41 20.60 -6.66
N GLU C 16 -15.20 20.42 -5.34
CA GLU C 16 -15.65 21.43 -4.36
C GLU C 16 -14.54 22.45 -4.15
N PRO C 17 -14.86 23.75 -4.14
CA PRO C 17 -13.80 24.77 -4.00
CA PRO C 17 -13.79 24.75 -4.00
C PRO C 17 -13.06 24.61 -2.67
N LEU C 18 -11.75 24.66 -2.74
CA LEU C 18 -10.90 24.67 -1.56
C LEU C 18 -10.42 26.07 -1.24
N GLY C 19 -9.92 26.78 -2.25
CA GLY C 19 -9.49 28.17 -2.09
C GLY C 19 -8.63 28.57 -3.26
N ARG C 20 -8.23 29.83 -3.25
CA ARG C 20 -7.42 30.43 -4.31
C ARG C 20 -5.96 30.54 -3.86
N VAL C 21 -5.04 30.16 -4.75
CA VAL C 21 -3.62 30.39 -4.56
C VAL C 21 -3.20 31.37 -5.65
N SER C 22 -2.52 32.44 -5.27
CA SER C 22 -1.95 33.35 -6.25
C SER C 22 -0.43 33.30 -6.19
N PHE C 23 0.19 33.58 -7.33
CA PHE C 23 1.64 33.51 -7.47
C PHE C 23 2.17 34.80 -8.07
N GLU C 24 3.30 35.26 -7.56
CA GLU C 24 4.12 36.25 -8.27
C GLU C 24 5.07 35.47 -9.17
N LEU C 25 5.11 35.84 -10.45
CA LEU C 25 6.01 35.23 -11.40
C LEU C 25 7.17 36.18 -11.65
N PHE C 26 8.39 35.66 -11.50
CA PHE C 26 9.58 36.50 -11.53
C PHE C 26 10.03 36.77 -12.97
N ALA C 27 9.17 37.50 -13.71
CA ALA C 27 9.51 37.85 -15.08
C ALA C 27 10.77 38.72 -15.13
N ASP C 28 11.04 39.47 -14.06
CA ASP C 28 12.21 40.34 -14.06
C ASP C 28 13.52 39.55 -14.07
N LYS C 29 13.51 38.32 -13.57
CA LYS C 29 14.71 37.51 -13.52
C LYS C 29 14.65 36.25 -14.37
N VAL C 30 13.47 35.72 -14.64
CA VAL C 30 13.32 34.48 -15.38
C VAL C 30 12.23 34.69 -16.43
N PRO C 31 12.42 35.59 -17.39
CA PRO C 31 11.27 36.01 -18.22
C PRO C 31 10.66 34.91 -19.06
N LYS C 32 11.48 34.07 -19.72
CA LYS C 32 10.92 33.05 -20.60
CA LYS C 32 10.92 33.05 -20.60
C LYS C 32 10.12 32.01 -19.82
N THR C 33 10.62 31.62 -18.65
CA THR C 33 9.95 30.62 -17.85
C THR C 33 8.71 31.20 -17.19
N ALA C 34 8.79 32.46 -16.75
CA ALA C 34 7.61 33.10 -16.19
C ALA C 34 6.52 33.26 -17.26
N GLU C 35 6.90 33.65 -18.47
CA GLU C 35 5.92 33.86 -19.52
C GLU C 35 5.18 32.57 -19.87
N ASN C 36 5.91 31.45 -19.93
CA ASN C 36 5.27 30.16 -20.17
C ASN C 36 4.18 29.88 -19.15
N PHE C 37 4.51 30.02 -17.86
CA PHE C 37 3.53 29.73 -16.82
C PHE C 37 2.38 30.71 -16.87
N ARG C 38 2.67 31.99 -17.14
CA ARG C 38 1.60 32.97 -17.25
C ARG C 38 0.62 32.60 -18.36
N ALA C 39 1.15 32.30 -19.56
CA ALA C 39 0.28 32.00 -20.70
C ALA C 39 -0.49 30.70 -20.48
N LEU C 40 0.13 29.70 -19.84
CA LEU C 40 -0.58 28.45 -19.55
C LEU C 40 -1.70 28.68 -18.54
N SER C 41 -1.53 29.67 -17.64
CA SER C 41 -2.55 30.00 -16.65
C SER C 41 -3.72 30.76 -17.26
N THR C 42 -3.50 31.59 -18.28
CA THR C 42 -4.62 32.30 -18.91
C THR C 42 -5.31 31.45 -19.97
N GLY C 43 -4.62 30.44 -20.51
CA GLY C 43 -5.15 29.63 -21.58
C GLY C 43 -5.12 30.30 -22.92
N GLU C 44 -4.43 31.45 -23.05
CA GLU C 44 -4.52 32.27 -24.24
C GLU C 44 -3.97 31.61 -25.50
N LYS C 45 -3.13 30.58 -25.38
CA LYS C 45 -2.63 29.87 -26.55
C LYS C 45 -3.58 28.78 -27.04
N GLY C 46 -4.70 28.56 -26.34
CA GLY C 46 -5.61 27.49 -26.67
C GLY C 46 -5.42 26.22 -25.87
N PHE C 47 -4.51 26.22 -24.90
CA PHE C 47 -4.28 25.07 -24.01
C PHE C 47 -3.69 25.61 -22.71
N GLY C 48 -3.71 24.80 -21.67
CA GLY C 48 -3.10 25.26 -20.43
C GLY C 48 -3.64 24.50 -19.22
N TYR C 49 -3.44 25.13 -18.06
CA TYR C 49 -3.63 24.44 -16.78
C TYR C 49 -5.09 24.22 -16.38
N LYS C 50 -6.05 25.01 -16.89
CA LYS C 50 -7.42 24.91 -16.39
C LYS C 50 -7.95 23.49 -16.55
N GLY C 51 -8.42 22.92 -15.43
CA GLY C 51 -8.95 21.57 -15.40
C GLY C 51 -7.95 20.51 -14.99
N SER C 52 -6.65 20.80 -15.05
CA SER C 52 -5.64 19.79 -14.76
C SER C 52 -5.50 19.57 -13.26
N CYS C 53 -4.72 18.55 -12.91
N CYS C 53 -4.83 18.50 -12.88
CA CYS C 53 -4.66 17.95 -11.58
CA CYS C 53 -4.78 18.16 -11.47
C CYS C 53 -3.31 18.17 -10.93
C CYS C 53 -3.37 18.23 -10.92
N PHE C 54 -3.30 18.30 -9.59
CA PHE C 54 -2.07 18.11 -8.83
C PHE C 54 -1.98 16.60 -8.60
N HIS C 55 -1.18 15.93 -9.43
CA HIS C 55 -1.16 14.47 -9.43
C HIS C 55 -0.20 13.89 -8.41
N ARG C 56 0.76 14.67 -7.92
CA ARG C 56 1.78 14.14 -7.02
C ARG C 56 1.94 15.12 -5.87
N ILE C 57 1.48 14.73 -4.68
CA ILE C 57 1.53 15.57 -3.49
C ILE C 57 2.22 14.74 -2.42
N ILE C 58 3.40 15.18 -1.99
CA ILE C 58 4.14 14.44 -0.97
C ILE C 58 4.31 15.35 0.23
N PRO C 59 3.61 15.07 1.33
CA PRO C 59 3.67 15.95 2.50
C PRO C 59 5.11 16.11 2.99
N GLY C 60 5.45 17.33 3.37
CA GLY C 60 6.79 17.66 3.77
C GLY C 60 7.70 18.09 2.64
N PHE C 61 7.23 18.02 1.39
CA PHE C 61 8.09 18.33 0.25
C PHE C 61 7.42 19.27 -0.74
N MET C 62 6.43 18.81 -1.49
CA MET C 62 5.88 19.66 -2.53
C MET C 62 4.54 19.15 -3.02
N CYS C 63 3.85 20.04 -3.74
CA CYS C 63 2.66 19.71 -4.53
C CYS C 63 3.00 19.93 -6.00
N GLN C 64 2.85 18.89 -6.81
CA GLN C 64 3.25 18.92 -8.22
C GLN C 64 2.04 18.71 -9.13
N GLY C 65 1.98 19.51 -10.19
CA GLY C 65 0.91 19.36 -11.16
C GLY C 65 1.33 19.79 -12.54
N GLY C 66 0.35 20.09 -13.41
CA GLY C 66 0.64 20.67 -14.69
C GLY C 66 0.54 19.77 -15.92
N ASP C 67 0.13 18.50 -15.77
CA ASP C 67 0.02 17.62 -16.95
C ASP C 67 -1.39 17.75 -17.54
N PHE C 68 -1.55 18.65 -18.51
CA PHE C 68 -2.82 18.83 -19.19
C PHE C 68 -2.91 18.10 -20.52
N THR C 69 -1.87 17.36 -20.91
CA THR C 69 -1.91 16.66 -22.19
C THR C 69 -2.19 15.17 -22.04
N ARG C 70 -1.53 14.50 -21.12
CA ARG C 70 -1.77 13.08 -20.89
C ARG C 70 -2.60 12.81 -19.65
N HIS C 71 -2.74 13.78 -18.74
CA HIS C 71 -3.58 13.63 -17.55
C HIS C 71 -3.16 12.45 -16.68
N ASN C 72 -1.88 12.11 -16.68
CA ASN C 72 -1.43 10.96 -15.91
C ASN C 72 -0.06 11.19 -15.27
N GLY C 73 0.40 12.44 -15.20
CA GLY C 73 1.68 12.75 -14.60
C GLY C 73 2.88 12.60 -15.52
N THR C 74 2.68 12.19 -16.78
CA THR C 74 3.82 12.01 -17.67
C THR C 74 3.93 13.09 -18.72
N GLY C 75 2.90 13.91 -18.90
CA GLY C 75 2.85 14.78 -20.05
C GLY C 75 3.00 16.23 -19.71
N GLY C 76 2.42 17.08 -20.55
CA GLY C 76 2.56 18.52 -20.51
C GLY C 76 3.35 19.03 -21.71
N LYS C 77 3.22 20.33 -21.95
CA LYS C 77 3.93 20.98 -23.04
C LYS C 77 4.01 22.47 -22.74
N SER C 78 5.02 23.12 -23.30
CA SER C 78 5.22 24.55 -23.09
C SER C 78 4.60 25.33 -24.26
N ILE C 79 4.60 26.66 -24.13
CA ILE C 79 4.17 27.51 -25.23
C ILE C 79 5.23 27.63 -26.31
N TYR C 80 6.40 27.04 -26.09
CA TYR C 80 7.51 27.11 -27.03
C TYR C 80 7.73 25.81 -27.78
N GLY C 81 6.92 24.79 -27.52
CA GLY C 81 7.13 23.47 -28.03
C GLY C 81 7.02 22.48 -26.91
N GLU C 82 7.38 21.23 -27.19
CA GLU C 82 7.21 20.22 -26.16
C GLU C 82 8.10 20.49 -24.96
N LYS C 83 9.28 21.04 -25.18
CA LYS C 83 10.27 21.27 -24.14
C LYS C 83 10.99 22.57 -24.41
N PHE C 84 11.53 23.16 -23.36
CA PHE C 84 12.43 24.30 -23.52
C PHE C 84 13.57 24.23 -22.51
N GLU C 85 14.63 24.97 -22.80
CA GLU C 85 15.85 24.85 -22.03
C GLU C 85 15.70 25.46 -20.64
N ASP C 86 16.55 25.01 -19.72
CA ASP C 86 16.69 25.67 -18.43
C ASP C 86 17.23 27.09 -18.61
N GLU C 87 16.41 28.06 -18.24
CA GLU C 87 16.72 29.46 -18.54
C GLU C 87 17.87 29.97 -17.68
N ASN C 88 17.78 29.79 -16.37
CA ASN C 88 18.87 30.15 -15.47
C ASN C 88 18.60 29.45 -14.15
N PHE C 89 19.61 29.46 -13.29
CA PHE C 89 19.44 28.94 -11.93
C PHE C 89 19.70 30.02 -10.89
N ILE C 90 19.29 31.24 -11.21
CA ILE C 90 19.56 32.37 -10.32
C ILE C 90 18.90 32.19 -8.97
N LEU C 91 17.65 31.77 -8.97
CA LEU C 91 16.87 31.68 -7.75
C LEU C 91 16.92 30.25 -7.19
N LYS C 92 16.83 30.16 -5.87
CA LYS C 92 17.03 28.90 -5.18
C LYS C 92 15.75 28.48 -4.46
N HIS C 93 15.72 27.21 -4.06
CA HIS C 93 14.58 26.62 -3.38
C HIS C 93 14.80 26.86 -1.88
N THR C 94 14.43 28.07 -1.44
CA THR C 94 14.78 28.53 -0.11
C THR C 94 13.75 28.21 0.97
N GLY C 95 12.54 27.75 0.60
CA GLY C 95 11.53 27.48 1.60
C GLY C 95 10.15 27.26 1.04
N PRO C 96 9.16 27.15 1.92
CA PRO C 96 7.78 26.94 1.47
C PRO C 96 7.31 28.06 0.55
N GLY C 97 6.51 27.67 -0.45
CA GLY C 97 5.92 28.63 -1.37
C GLY C 97 6.67 28.85 -2.66
N ILE C 98 7.92 28.37 -2.76
CA ILE C 98 8.67 28.51 -4.01
C ILE C 98 7.97 27.74 -5.13
N LEU C 99 7.89 28.36 -6.32
CA LEU C 99 7.32 27.78 -7.52
C LEU C 99 8.46 27.51 -8.50
N SER C 100 8.55 26.26 -8.96
CA SER C 100 9.69 25.80 -9.71
C SER C 100 9.24 24.80 -10.78
N MET C 101 10.05 24.66 -11.83
CA MET C 101 9.71 23.76 -12.94
C MET C 101 10.09 22.31 -12.62
N ALA C 102 9.15 21.40 -12.87
CA ALA C 102 9.47 19.97 -12.87
C ALA C 102 10.15 19.64 -14.20
N ASN C 103 10.91 18.55 -14.22
CA ASN C 103 11.56 18.19 -15.47
C ASN C 103 11.96 16.73 -15.44
N ALA C 104 12.47 16.25 -16.58
CA ALA C 104 12.97 14.88 -16.71
C ALA C 104 14.46 14.90 -17.03
N GLY C 105 15.19 15.85 -16.45
CA GLY C 105 16.59 16.04 -16.76
C GLY C 105 16.85 17.39 -17.39
N PRO C 106 18.10 17.66 -17.79
CA PRO C 106 18.44 19.00 -18.29
C PRO C 106 17.62 19.38 -19.51
N ASN C 107 17.16 20.62 -19.52
CA ASN C 107 16.54 21.23 -20.70
C ASN C 107 15.29 20.46 -21.17
N THR C 108 14.43 20.08 -20.21
CA THR C 108 13.20 19.36 -20.52
C THR C 108 11.98 20.03 -19.91
N ASN C 109 12.04 21.33 -19.68
CA ASN C 109 10.89 22.02 -19.12
C ASN C 109 9.72 21.97 -20.07
N GLY C 110 8.53 21.74 -19.53
CA GLY C 110 7.32 21.69 -20.33
C GLY C 110 6.25 22.55 -19.70
N SER C 111 5.28 21.90 -19.06
CA SER C 111 4.31 22.60 -18.24
C SER C 111 4.28 22.16 -16.79
N GLN C 112 4.80 20.98 -16.46
CA GLN C 112 4.71 20.53 -15.08
C GLN C 112 5.56 21.42 -14.17
N PHE C 113 5.08 21.63 -12.95
CA PHE C 113 5.66 22.56 -11.99
C PHE C 113 5.42 21.99 -10.61
N PHE C 114 6.09 22.56 -9.61
CA PHE C 114 5.82 22.19 -8.23
C PHE C 114 5.85 23.41 -7.34
N ILE C 115 5.08 23.33 -6.25
CA ILE C 115 5.08 24.32 -5.19
C ILE C 115 5.72 23.67 -3.97
N CYS C 116 6.83 24.24 -3.50
CA CYS C 116 7.48 23.69 -2.32
C CYS C 116 6.65 23.94 -1.08
N THR C 117 6.60 22.92 -0.20
CA THR C 117 6.04 23.11 1.13
C THR C 117 7.13 23.10 2.19
N ALA C 118 8.39 23.05 1.77
CA ALA C 118 9.54 23.08 2.66
C ALA C 118 10.71 23.52 1.81
N LYS C 119 11.84 23.78 2.47
CA LYS C 119 13.07 24.05 1.74
C LYS C 119 13.54 22.79 1.03
N THR C 120 13.83 22.89 -0.26
CA THR C 120 14.26 21.75 -1.07
C THR C 120 15.55 22.10 -1.79
N GLU C 121 16.59 22.40 -0.99
CA GLU C 121 17.79 23.00 -1.54
C GLU C 121 18.55 22.05 -2.46
N TRP C 122 18.35 20.74 -2.32
CA TRP C 122 19.03 19.80 -3.19
C TRP C 122 18.55 19.88 -4.63
N LEU C 123 17.43 20.56 -4.89
CA LEU C 123 16.97 20.79 -6.25
C LEU C 123 17.63 22.01 -6.91
N ASP C 124 18.37 22.80 -6.13
CA ASP C 124 19.05 23.98 -6.68
C ASP C 124 20.00 23.59 -7.82
N GLY C 125 19.96 24.37 -8.90
CA GLY C 125 20.81 24.11 -10.05
C GLY C 125 20.31 23.02 -10.98
N LYS C 126 19.19 22.36 -10.64
CA LYS C 126 18.58 21.33 -11.47
C LYS C 126 17.15 21.67 -11.89
N HIS C 127 16.43 22.46 -11.10
CA HIS C 127 15.09 22.92 -11.45
C HIS C 127 15.08 24.44 -11.42
N VAL C 128 14.42 25.03 -12.42
CA VAL C 128 14.38 26.49 -12.55
C VAL C 128 13.26 27.05 -11.67
N VAL C 129 13.65 27.83 -10.66
CA VAL C 129 12.73 28.59 -9.81
C VAL C 129 12.29 29.85 -10.55
N PHE C 130 10.99 30.12 -10.58
CA PHE C 130 10.50 31.24 -11.36
C PHE C 130 9.36 31.99 -10.70
N GLY C 131 8.95 31.62 -9.50
CA GLY C 131 7.87 32.34 -8.85
C GLY C 131 7.75 31.94 -7.39
N LYS C 132 6.75 32.53 -6.73
CA LYS C 132 6.45 32.16 -5.35
C LYS C 132 4.98 32.41 -5.07
N VAL C 133 4.45 31.65 -4.12
CA VAL C 133 3.09 31.91 -3.64
C VAL C 133 3.02 33.29 -3.04
N LYS C 134 2.05 34.09 -3.50
CA LYS C 134 1.75 35.42 -2.97
C LYS C 134 0.69 35.31 -1.88
N GLU C 135 -0.50 34.84 -2.23
CA GLU C 135 -1.56 34.58 -1.27
C GLU C 135 -2.01 33.12 -1.39
N GLY C 136 -2.53 32.60 -0.29
CA GLY C 136 -3.09 31.26 -0.30
C GLY C 136 -2.16 30.15 0.10
N MET C 137 -1.07 30.46 0.82
CA MET C 137 -0.24 29.35 1.32
C MET C 137 -1.04 28.41 2.20
N ASN C 138 -2.06 28.93 2.90
CA ASN C 138 -2.89 28.03 3.71
C ASN C 138 -3.65 27.04 2.84
N ILE C 139 -3.99 27.43 1.61
CA ILE C 139 -4.58 26.50 0.67
C ILE C 139 -3.59 25.41 0.27
N VAL C 140 -2.33 25.79 -0.01
CA VAL C 140 -1.32 24.81 -0.36
C VAL C 140 -1.12 23.83 0.80
N GLU C 141 -1.09 24.35 2.03
CA GLU C 141 -0.93 23.48 3.19
C GLU C 141 -2.10 22.53 3.31
N ALA C 142 -3.31 23.01 3.02
CA ALA C 142 -4.50 22.16 3.03
C ALA C 142 -4.45 21.07 1.96
N MET C 143 -3.83 21.35 0.80
CA MET C 143 -3.69 20.33 -0.23
C MET C 143 -2.84 19.16 0.25
N GLU C 144 -1.91 19.40 1.17
CA GLU C 144 -1.05 18.32 1.64
C GLU C 144 -1.83 17.19 2.31
N ARG C 145 -2.97 17.51 2.92
CA ARG C 145 -3.79 16.51 3.60
C ARG C 145 -4.15 15.36 2.66
N PHE C 146 -4.15 15.63 1.37
CA PHE C 146 -4.60 14.66 0.38
C PHE C 146 -3.46 13.89 -0.27
N GLY C 147 -2.21 14.17 0.09
CA GLY C 147 -1.07 13.46 -0.46
C GLY C 147 -0.68 12.26 0.38
N SER C 148 0.47 11.68 0.01
CA SER C 148 0.98 10.47 0.64
C SER C 148 2.44 10.32 0.29
N ARG C 149 3.07 9.29 0.87
N ARG C 149 3.08 9.32 0.92
CA ARG C 149 4.51 9.16 0.76
CA ARG C 149 4.52 9.12 0.74
C ARG C 149 4.97 8.85 -0.67
C ARG C 149 4.90 8.97 -0.73
N ASN C 150 4.12 8.22 -1.49
CA ASN C 150 4.44 7.98 -2.90
C ASN C 150 3.78 8.99 -3.82
N GLY C 151 3.19 10.03 -3.26
CA GLY C 151 2.60 11.11 -4.02
C GLY C 151 1.17 10.91 -4.46
N LYS C 152 0.62 9.70 -4.38
CA LYS C 152 -0.75 9.50 -4.81
C LYS C 152 -1.70 10.26 -3.89
N THR C 153 -2.72 10.85 -4.50
CA THR C 153 -3.68 11.66 -3.76
C THR C 153 -4.94 10.87 -3.46
N SER C 154 -5.56 11.17 -2.31
CA SER C 154 -6.73 10.44 -1.86
C SER C 154 -8.04 11.01 -2.40
N LYS C 155 -8.00 12.23 -2.90
CA LYS C 155 -9.10 12.84 -3.64
C LYS C 155 -8.48 13.58 -4.82
N LYS C 156 -9.32 13.95 -5.77
CA LYS C 156 -8.82 14.61 -6.98
C LYS C 156 -8.64 16.09 -6.71
N ILE C 157 -7.40 16.56 -6.78
CA ILE C 157 -7.07 17.94 -6.50
C ILE C 157 -6.83 18.64 -7.83
N THR C 158 -7.73 19.56 -8.22
CA THR C 158 -7.65 20.15 -9.55
C THR C 158 -7.58 21.68 -9.52
N ILE C 159 -7.10 22.20 -10.64
CA ILE C 159 -7.13 23.63 -10.92
C ILE C 159 -8.46 23.87 -11.62
N ALA C 160 -9.50 24.18 -10.85
CA ALA C 160 -10.83 24.34 -11.43
C ALA C 160 -10.89 25.60 -12.30
N ASP C 161 -10.15 26.63 -11.94
CA ASP C 161 -10.07 27.85 -12.73
C ASP C 161 -8.67 28.44 -12.54
N CYS C 162 -8.24 29.24 -13.50
CA CYS C 162 -6.96 29.91 -13.39
C CYS C 162 -6.92 31.07 -14.38
N GLY C 163 -6.03 32.02 -14.10
CA GLY C 163 -5.93 33.19 -14.95
C GLY C 163 -4.95 34.19 -14.39
N GLN C 164 -4.94 35.38 -14.98
CA GLN C 164 -4.01 36.43 -14.60
C GLN C 164 -4.78 37.53 -13.85
N LEU C 165 -4.19 38.00 -12.76
CA LEU C 165 -4.77 39.09 -11.97
C LEU C 165 -4.19 40.41 -12.42
N MET D 2 -39.08 -27.88 -4.43
CA MET D 2 -37.85 -28.51 -3.96
C MET D 2 -37.68 -28.27 -2.48
N VAL D 3 -37.07 -29.23 -1.79
CA VAL D 3 -36.74 -28.99 -0.39
C VAL D 3 -35.78 -27.82 -0.25
N ASN D 4 -34.74 -27.77 -1.10
CA ASN D 4 -33.74 -26.74 -0.98
C ASN D 4 -34.13 -25.53 -1.82
N PRO D 5 -34.30 -24.36 -1.22
CA PRO D 5 -34.60 -23.15 -2.00
C PRO D 5 -33.40 -22.68 -2.80
N THR D 6 -33.72 -21.89 -3.83
CA THR D 6 -32.72 -21.24 -4.67
CA THR D 6 -32.71 -21.24 -4.66
C THR D 6 -32.88 -19.73 -4.55
N VAL D 7 -31.78 -19.02 -4.30
CA VAL D 7 -31.85 -17.55 -4.28
C VAL D 7 -30.84 -17.01 -5.28
N PHE D 8 -30.99 -15.73 -5.62
CA PHE D 8 -30.08 -15.09 -6.56
C PHE D 8 -29.60 -13.76 -6.01
N PHE D 9 -28.38 -13.39 -6.42
CA PHE D 9 -27.86 -12.03 -6.29
C PHE D 9 -27.56 -11.52 -7.68
N ASP D 10 -27.99 -10.28 -7.96
CA ASP D 10 -27.51 -9.54 -9.13
C ASP D 10 -26.37 -8.64 -8.63
N ILE D 11 -25.17 -8.89 -9.12
CA ILE D 11 -23.96 -8.22 -8.65
C ILE D 11 -23.70 -6.98 -9.50
N ALA D 12 -23.28 -5.90 -8.85
CA ALA D 12 -22.93 -4.66 -9.53
C ALA D 12 -21.52 -4.23 -9.16
N VAL D 13 -20.87 -3.56 -10.12
CA VAL D 13 -19.54 -3.00 -9.97
C VAL D 13 -19.69 -1.50 -10.16
N ASP D 14 -19.45 -0.73 -9.09
CA ASP D 14 -19.69 0.72 -9.10
C ASP D 14 -21.06 1.03 -9.71
N GLY D 15 -22.06 0.22 -9.36
CA GLY D 15 -23.41 0.42 -9.82
C GLY D 15 -23.76 -0.22 -11.15
N GLU D 16 -22.76 -0.70 -11.92
CA GLU D 16 -23.03 -1.29 -13.22
C GLU D 16 -23.26 -2.80 -13.10
N PRO D 17 -24.21 -3.35 -13.86
CA PRO D 17 -24.48 -4.79 -13.75
C PRO D 17 -23.27 -5.59 -14.17
N LEU D 18 -22.89 -6.57 -13.33
CA LEU D 18 -21.88 -7.54 -13.68
C LEU D 18 -22.50 -8.87 -14.13
N GLY D 19 -23.42 -9.40 -13.33
CA GLY D 19 -24.13 -10.61 -13.68
C GLY D 19 -24.80 -11.20 -12.46
N ARG D 20 -25.46 -12.34 -12.67
CA ARG D 20 -26.23 -12.99 -11.63
C ARG D 20 -25.50 -14.22 -11.08
N VAL D 21 -25.55 -14.39 -9.76
CA VAL D 21 -25.11 -15.61 -9.09
C VAL D 21 -26.33 -16.20 -8.39
N SER D 22 -26.59 -17.49 -8.60
CA SER D 22 -27.66 -18.16 -7.87
C SER D 22 -27.04 -19.21 -6.95
N PHE D 23 -27.77 -19.54 -5.89
CA PHE D 23 -27.29 -20.43 -4.85
C PHE D 23 -28.37 -21.43 -4.51
N GLU D 24 -27.97 -22.69 -4.34
CA GLU D 24 -28.82 -23.67 -3.67
C GLU D 24 -28.55 -23.55 -2.17
N LEU D 25 -29.60 -23.44 -1.36
CA LEU D 25 -29.48 -23.35 0.09
C LEU D 25 -29.85 -24.71 0.70
N PHE D 26 -28.95 -25.26 1.51
CA PHE D 26 -29.09 -26.64 1.99
C PHE D 26 -30.03 -26.71 3.19
N ALA D 27 -31.29 -26.35 2.97
CA ALA D 27 -32.27 -26.45 4.02
C ALA D 27 -32.48 -27.89 4.47
N ASP D 28 -32.18 -28.87 3.61
CA ASP D 28 -32.28 -30.28 3.99
C ASP D 28 -31.37 -30.63 5.16
N LYS D 29 -30.23 -29.96 5.29
CA LYS D 29 -29.30 -30.27 6.37
C LYS D 29 -29.04 -29.15 7.35
N VAL D 30 -29.27 -27.89 6.98
CA VAL D 30 -28.98 -26.73 7.82
C VAL D 30 -30.19 -25.81 7.74
N PRO D 31 -31.37 -26.23 8.21
CA PRO D 31 -32.59 -25.47 7.89
C PRO D 31 -32.62 -24.08 8.50
N LYS D 32 -32.12 -23.89 9.72
CA LYS D 32 -32.20 -22.57 10.34
C LYS D 32 -31.27 -21.59 9.65
N THR D 33 -30.06 -22.04 9.31
CA THR D 33 -29.10 -21.19 8.64
C THR D 33 -29.53 -20.90 7.21
N ALA D 34 -30.06 -21.91 6.50
CA ALA D 34 -30.56 -21.67 5.16
C ALA D 34 -31.72 -20.68 5.17
N GLU D 35 -32.64 -20.83 6.15
CA GLU D 35 -33.80 -19.95 6.20
C GLU D 35 -33.40 -18.51 6.44
N ASN D 36 -32.42 -18.27 7.33
CA ASN D 36 -31.93 -16.90 7.53
C ASN D 36 -31.45 -16.29 6.22
N PHE D 37 -30.61 -17.02 5.48
CA PHE D 37 -30.08 -16.47 4.23
C PHE D 37 -31.20 -16.25 3.22
N ARG D 38 -32.15 -17.19 3.13
CA ARG D 38 -33.27 -17.05 2.21
C ARG D 38 -34.07 -15.79 2.52
N ALA D 39 -34.41 -15.57 3.79
CA ALA D 39 -35.25 -14.43 4.14
C ALA D 39 -34.48 -13.12 3.97
N LEU D 40 -33.17 -13.12 4.25
CA LEU D 40 -32.38 -11.91 4.02
C LEU D 40 -32.29 -11.60 2.54
N SER D 41 -32.36 -12.63 1.68
CA SER D 41 -32.29 -12.42 0.24
C SER D 41 -33.60 -11.88 -0.33
N THR D 42 -34.74 -12.28 0.24
CA THR D 42 -36.00 -11.74 -0.24
C THR D 42 -36.33 -10.38 0.40
N GLY D 43 -35.74 -10.07 1.55
CA GLY D 43 -36.06 -8.86 2.26
C GLY D 43 -37.37 -8.90 3.02
N GLU D 44 -37.99 -10.08 3.14
CA GLU D 44 -39.37 -10.17 3.59
C GLU D 44 -39.54 -9.78 5.06
N LYS D 45 -38.47 -9.71 5.85
CA LYS D 45 -38.59 -9.22 7.22
C LYS D 45 -38.46 -7.72 7.33
N GLY D 46 -38.18 -7.02 6.24
CA GLY D 46 -38.00 -5.58 6.26
C GLY D 46 -36.57 -5.12 6.19
N PHE D 47 -35.62 -6.06 6.09
CA PHE D 47 -34.20 -5.75 6.00
C PHE D 47 -33.55 -6.92 5.27
N GLY D 48 -32.31 -6.73 4.83
CA GLY D 48 -31.64 -7.82 4.16
C GLY D 48 -30.49 -7.34 3.28
N TYR D 49 -30.11 -8.23 2.36
CA TYR D 49 -28.87 -8.07 1.60
C TYR D 49 -28.94 -7.02 0.49
N LYS D 50 -30.13 -6.67 -0.01
CA LYS D 50 -30.16 -5.81 -1.20
C LYS D 50 -29.50 -4.46 -0.91
N GLY D 51 -28.51 -4.12 -1.74
CA GLY D 51 -27.76 -2.88 -1.60
C GLY D 51 -26.43 -3.04 -0.87
N SER D 52 -26.23 -4.14 -0.14
CA SER D 52 -25.03 -4.30 0.67
C SER D 52 -23.84 -4.68 -0.22
N CYS D 53 -22.66 -4.68 0.39
N CYS D 53 -22.64 -4.59 0.34
CA CYS D 53 -21.37 -4.73 -0.29
CA CYS D 53 -21.45 -4.78 -0.50
C CYS D 53 -20.64 -6.04 -0.02
C CYS D 53 -20.64 -5.99 -0.06
N PHE D 54 -19.91 -6.53 -1.02
CA PHE D 54 -18.86 -7.53 -0.78
C PHE D 54 -17.61 -6.75 -0.38
N HIS D 55 -17.42 -6.58 0.92
CA HIS D 55 -16.41 -5.66 1.42
C HIS D 55 -15.03 -6.29 1.48
N ARG D 56 -14.93 -7.61 1.45
CA ARG D 56 -13.65 -8.29 1.65
C ARG D 56 -13.54 -9.39 0.60
N ILE D 57 -12.67 -9.18 -0.39
CA ILE D 57 -12.48 -10.14 -1.47
C ILE D 57 -10.98 -10.42 -1.53
N ILE D 58 -10.60 -11.65 -1.26
CA ILE D 58 -9.19 -12.03 -1.27
C ILE D 58 -8.99 -13.10 -2.32
N PRO D 59 -8.32 -12.78 -3.44
CA PRO D 59 -8.17 -13.75 -4.51
C PRO D 59 -7.48 -15.03 -4.03
N GLY D 60 -7.99 -16.17 -4.50
CA GLY D 60 -7.53 -17.46 -4.06
C GLY D 60 -8.19 -17.98 -2.82
N PHE D 61 -9.08 -17.19 -2.20
CA PHE D 61 -9.73 -17.62 -0.97
C PHE D 61 -11.24 -17.46 -1.03
N MET D 62 -11.75 -16.23 -1.00
CA MET D 62 -13.20 -16.09 -0.89
C MET D 62 -13.62 -14.66 -1.21
N CYS D 63 -14.94 -14.51 -1.41
CA CYS D 63 -15.61 -13.22 -1.47
C CYS D 63 -16.58 -13.16 -0.30
N GLN D 64 -16.43 -12.15 0.56
CA GLN D 64 -17.19 -12.02 1.79
C GLN D 64 -18.05 -10.76 1.77
N GLY D 65 -19.29 -10.89 2.23
CA GLY D 65 -20.19 -9.75 2.27
C GLY D 65 -21.25 -9.92 3.32
N GLY D 66 -22.30 -9.11 3.23
CA GLY D 66 -23.48 -9.26 4.06
C GLY D 66 -23.67 -8.29 5.22
N ASP D 67 -22.85 -7.24 5.33
CA ASP D 67 -23.04 -6.27 6.41
C ASP D 67 -23.97 -5.16 5.93
N PHE D 68 -25.25 -5.31 6.25
CA PHE D 68 -26.25 -4.32 5.88
C PHE D 68 -26.65 -3.41 7.04
N THR D 69 -26.00 -3.54 8.20
CA THR D 69 -26.36 -2.69 9.33
C THR D 69 -25.32 -1.59 9.58
N ARG D 70 -24.04 -1.93 9.55
CA ARG D 70 -22.98 -0.95 9.73
C ARG D 70 -22.29 -0.59 8.43
N HIS D 71 -22.47 -1.39 7.38
CA HIS D 71 -21.96 -1.07 6.04
C HIS D 71 -20.45 -0.89 6.03
N ASN D 72 -19.74 -1.55 6.96
CA ASN D 72 -18.30 -1.37 7.07
C ASN D 72 -17.55 -2.67 7.40
N GLY D 73 -18.20 -3.83 7.31
CA GLY D 73 -17.56 -5.10 7.58
C GLY D 73 -17.63 -5.56 9.03
N THR D 74 -18.21 -4.76 9.92
CA THR D 74 -18.29 -5.14 11.32
C THR D 74 -19.68 -5.60 11.73
N GLY D 75 -20.70 -5.37 10.92
CA GLY D 75 -22.07 -5.51 11.35
C GLY D 75 -22.81 -6.66 10.70
N GLY D 76 -24.12 -6.52 10.65
CA GLY D 76 -25.05 -7.52 10.19
C GLY D 76 -25.90 -8.07 11.33
N LYS D 77 -26.98 -8.71 10.94
CA LYS D 77 -27.90 -9.29 11.90
C LYS D 77 -28.71 -10.37 11.19
N SER D 78 -29.20 -11.30 11.99
CA SER D 78 -29.99 -12.41 11.45
C SER D 78 -31.47 -12.12 11.63
N ILE D 79 -32.29 -12.99 11.03
CA ILE D 79 -33.74 -12.91 11.23
C ILE D 79 -34.17 -13.37 12.62
N TYR D 80 -33.24 -13.90 13.42
CA TYR D 80 -33.54 -14.41 14.75
C TYR D 80 -33.08 -13.47 15.85
N GLY D 81 -32.48 -12.34 15.50
CA GLY D 81 -31.81 -11.48 16.43
C GLY D 81 -30.41 -11.18 15.93
N GLU D 82 -29.62 -10.50 16.76
CA GLU D 82 -28.31 -10.08 16.28
C GLU D 82 -27.40 -11.26 15.95
N LYS D 83 -27.50 -12.34 16.72
CA LYS D 83 -26.64 -13.50 16.53
C LYS D 83 -27.48 -14.77 16.70
N PHE D 84 -27.01 -15.85 16.07
CA PHE D 84 -27.58 -17.16 16.34
C PHE D 84 -26.50 -18.21 16.38
N GLU D 85 -26.84 -19.36 16.98
CA GLU D 85 -25.83 -20.35 17.26
C GLU D 85 -25.42 -21.10 16.00
N ASP D 86 -24.24 -21.71 16.07
CA ASP D 86 -23.79 -22.61 15.01
C ASP D 86 -24.70 -23.83 14.97
N GLU D 87 -25.38 -24.01 13.85
CA GLU D 87 -26.43 -25.02 13.77
C GLU D 87 -25.86 -26.43 13.73
N ASN D 88 -24.93 -26.69 12.82
CA ASN D 88 -24.18 -27.93 12.81
C ASN D 88 -22.98 -27.71 11.91
N PHE D 89 -22.10 -28.70 11.87
CA PHE D 89 -20.93 -28.69 10.99
C PHE D 89 -20.93 -29.89 10.06
N ILE D 90 -22.12 -30.30 9.61
CA ILE D 90 -22.24 -31.49 8.77
C ILE D 90 -21.51 -31.27 7.45
N LEU D 91 -21.77 -30.14 6.79
CA LEU D 91 -21.21 -29.90 5.48
C LEU D 91 -19.85 -29.24 5.57
N LYS D 92 -19.01 -29.52 4.59
CA LYS D 92 -17.61 -29.14 4.65
C LYS D 92 -17.27 -28.15 3.54
N HIS D 93 -16.15 -27.46 3.74
CA HIS D 93 -15.65 -26.47 2.78
C HIS D 93 -14.84 -27.23 1.73
N THR D 94 -15.51 -27.76 0.72
CA THR D 94 -14.94 -28.76 -0.19
C THR D 94 -14.40 -28.19 -1.48
N GLY D 95 -14.62 -26.91 -1.77
CA GLY D 95 -14.12 -26.35 -3.01
C GLY D 95 -14.78 -25.04 -3.38
N PRO D 96 -14.48 -24.54 -4.58
CA PRO D 96 -15.07 -23.27 -5.01
C PRO D 96 -16.59 -23.36 -5.06
N GLY D 97 -17.24 -22.25 -4.74
CA GLY D 97 -18.68 -22.16 -4.80
C GLY D 97 -19.37 -22.40 -3.47
N ILE D 98 -18.68 -22.97 -2.49
CA ILE D 98 -19.28 -23.22 -1.19
C ILE D 98 -19.67 -21.90 -0.52
N LEU D 99 -20.87 -21.87 0.05
CA LEU D 99 -21.43 -20.72 0.74
C LEU D 99 -21.49 -21.05 2.24
N SER D 100 -20.89 -20.19 3.04
CA SER D 100 -20.64 -20.46 4.45
C SER D 100 -20.78 -19.18 5.27
N MET D 101 -21.08 -19.34 6.56
CA MET D 101 -21.30 -18.20 7.43
C MET D 101 -19.98 -17.63 7.94
N ALA D 102 -19.84 -16.32 7.84
CA ALA D 102 -18.78 -15.62 8.54
C ALA D 102 -19.15 -15.48 10.01
N ASN D 103 -18.17 -15.28 10.87
CA ASN D 103 -18.49 -15.13 12.28
C ASN D 103 -17.31 -14.49 13.02
N ALA D 104 -17.55 -14.16 14.29
CA ALA D 104 -16.55 -13.60 15.18
C ALA D 104 -16.27 -14.56 16.34
N GLY D 105 -16.32 -15.86 16.06
CA GLY D 105 -16.14 -16.87 17.08
C GLY D 105 -17.39 -17.74 17.22
N PRO D 106 -17.37 -18.65 18.18
CA PRO D 106 -18.49 -19.60 18.32
C PRO D 106 -19.82 -18.88 18.51
N ASN D 107 -20.83 -19.34 17.78
CA ASN D 107 -22.22 -18.94 17.99
C ASN D 107 -22.45 -17.44 17.80
N THR D 108 -21.85 -16.87 16.74
CA THR D 108 -22.00 -15.46 16.43
C THR D 108 -22.47 -15.23 15.00
N ASN D 109 -23.21 -16.18 14.43
CA ASN D 109 -23.73 -15.99 13.08
C ASN D 109 -24.71 -14.82 13.05
N GLY D 110 -24.58 -13.97 12.04
CA GLY D 110 -25.52 -12.88 11.84
C GLY D 110 -26.05 -12.89 10.43
N SER D 111 -25.49 -12.03 9.58
CA SER D 111 -25.79 -12.04 8.16
C SER D 111 -24.56 -12.17 7.27
N GLN D 112 -23.36 -11.87 7.78
CA GLN D 112 -22.19 -11.96 6.91
C GLN D 112 -21.93 -13.41 6.50
N PHE D 113 -21.46 -13.59 5.27
CA PHE D 113 -21.28 -14.89 4.65
C PHE D 113 -20.07 -14.76 3.74
N PHE D 114 -19.61 -15.89 3.24
CA PHE D 114 -18.57 -15.86 2.24
C PHE D 114 -18.81 -16.96 1.21
N ILE D 115 -18.34 -16.67 0.00
CA ILE D 115 -18.35 -17.62 -1.10
C ILE D 115 -16.91 -18.04 -1.34
N CYS D 116 -16.64 -19.33 -1.20
CA CYS D 116 -15.30 -19.82 -1.43
C CYS D 116 -14.95 -19.80 -2.91
N THR D 117 -13.71 -19.45 -3.20
CA THR D 117 -13.18 -19.56 -4.54
C THR D 117 -12.13 -20.65 -4.63
N ALA D 118 -11.92 -21.37 -3.53
CA ALA D 118 -10.99 -22.49 -3.44
C ALA D 118 -11.47 -23.34 -2.28
N LYS D 119 -10.90 -24.54 -2.17
CA LYS D 119 -11.15 -25.36 -0.99
C LYS D 119 -10.56 -24.66 0.23
N THR D 120 -11.34 -24.56 1.30
CA THR D 120 -10.91 -23.88 2.52
C THR D 120 -11.15 -24.81 3.71
N GLU D 121 -10.54 -25.99 3.67
CA GLU D 121 -10.90 -27.04 4.63
C GLU D 121 -10.52 -26.68 6.06
N TRP D 122 -9.59 -25.75 6.25
CA TRP D 122 -9.22 -25.34 7.61
C TRP D 122 -10.35 -24.63 8.35
N LEU D 123 -11.40 -24.20 7.64
CA LEU D 123 -12.57 -23.59 8.27
C LEU D 123 -13.61 -24.62 8.72
N ASP D 124 -13.44 -25.90 8.36
CA ASP D 124 -14.41 -26.92 8.78
C ASP D 124 -14.48 -26.96 10.30
N GLY D 125 -15.71 -27.04 10.82
CA GLY D 125 -15.92 -27.09 12.24
C GLY D 125 -15.93 -25.75 12.94
N LYS D 126 -15.66 -24.66 12.22
CA LYS D 126 -15.69 -23.31 12.76
C LYS D 126 -16.69 -22.40 12.06
N HIS D 127 -16.98 -22.66 10.78
CA HIS D 127 -17.95 -21.89 10.02
C HIS D 127 -18.99 -22.84 9.47
N VAL D 128 -20.26 -22.47 9.59
CA VAL D 128 -21.37 -23.32 9.15
C VAL D 128 -21.57 -23.17 7.64
N VAL D 129 -21.34 -24.27 6.91
CA VAL D 129 -21.62 -24.34 5.48
C VAL D 129 -23.10 -24.61 5.28
N PHE D 130 -23.72 -23.87 4.36
CA PHE D 130 -25.16 -23.96 4.22
C PHE D 130 -25.66 -23.83 2.78
N GLY D 131 -24.77 -23.72 1.79
CA GLY D 131 -25.23 -23.63 0.41
C GLY D 131 -24.06 -23.71 -0.54
N LYS D 132 -24.37 -23.57 -1.83
CA LYS D 132 -23.35 -23.60 -2.86
C LYS D 132 -23.85 -22.83 -4.06
N VAL D 133 -22.92 -22.23 -4.80
CA VAL D 133 -23.25 -21.57 -6.05
C VAL D 133 -23.82 -22.59 -7.03
N LYS D 134 -24.94 -22.23 -7.65
CA LYS D 134 -25.60 -23.06 -8.66
C LYS D 134 -25.18 -22.55 -10.03
N GLU D 135 -25.66 -21.36 -10.41
CA GLU D 135 -25.28 -20.71 -11.64
C GLU D 135 -24.44 -19.47 -11.33
N GLY D 136 -23.55 -19.12 -12.25
CA GLY D 136 -22.83 -17.88 -12.14
C GLY D 136 -21.49 -17.93 -11.43
N MET D 137 -20.83 -19.09 -11.38
CA MET D 137 -19.50 -19.11 -10.81
C MET D 137 -18.55 -18.22 -11.59
N ASN D 138 -18.80 -18.05 -12.89
CA ASN D 138 -18.00 -17.11 -13.69
C ASN D 138 -18.14 -15.69 -13.17
N ILE D 139 -19.31 -15.32 -12.65
CA ILE D 139 -19.48 -14.00 -12.07
C ILE D 139 -18.69 -13.89 -10.78
N VAL D 140 -18.70 -14.94 -9.96
CA VAL D 140 -17.88 -14.93 -8.75
C VAL D 140 -16.41 -14.77 -9.10
N GLU D 141 -15.95 -15.47 -10.14
CA GLU D 141 -14.56 -15.34 -10.56
C GLU D 141 -14.27 -13.92 -11.02
N ALA D 142 -15.23 -13.27 -11.69
CA ALA D 142 -15.05 -11.88 -12.09
C ALA D 142 -14.97 -10.95 -10.88
N MET D 143 -15.78 -11.23 -9.85
CA MET D 143 -15.71 -10.43 -8.62
C MET D 143 -14.36 -10.58 -7.94
N GLU D 144 -13.85 -11.81 -7.91
CA GLU D 144 -12.60 -12.09 -7.25
C GLU D 144 -11.47 -11.23 -7.82
N ARG D 145 -11.55 -10.88 -9.10
CA ARG D 145 -10.53 -10.06 -9.74
C ARG D 145 -10.48 -8.63 -9.20
N PHE D 146 -11.54 -8.15 -8.56
CA PHE D 146 -11.52 -6.82 -7.97
C PHE D 146 -10.93 -6.79 -6.57
N GLY D 147 -10.55 -7.94 -6.03
CA GLY D 147 -10.03 -8.02 -4.68
C GLY D 147 -8.54 -7.83 -4.61
N SER D 148 -8.00 -8.04 -3.40
CA SER D 148 -6.58 -7.83 -3.16
C SER D 148 -6.20 -8.65 -1.94
N ARG D 149 -4.89 -8.63 -1.65
CA ARG D 149 -4.36 -9.50 -0.61
C ARG D 149 -4.93 -9.17 0.76
N ASN D 150 -5.22 -7.90 1.03
CA ASN D 150 -5.82 -7.50 2.31
C ASN D 150 -7.33 -7.39 2.24
N GLY D 151 -7.93 -7.80 1.13
CA GLY D 151 -9.37 -7.85 0.98
C GLY D 151 -10.01 -6.60 0.43
N LYS D 152 -9.31 -5.46 0.39
CA LYS D 152 -9.89 -4.23 -0.11
C LYS D 152 -10.12 -4.37 -1.61
N THR D 153 -11.27 -3.87 -2.08
CA THR D 153 -11.64 -4.01 -3.47
C THR D 153 -11.32 -2.71 -4.23
N SER D 154 -10.97 -2.85 -5.51
CA SER D 154 -10.58 -1.70 -6.31
C SER D 154 -11.78 -0.94 -6.88
N LYS D 155 -12.93 -1.60 -6.97
CA LYS D 155 -14.19 -0.97 -7.26
C LYS D 155 -15.19 -1.57 -6.29
N LYS D 156 -16.31 -0.86 -6.09
CA LYS D 156 -17.27 -1.25 -5.08
C LYS D 156 -18.20 -2.31 -5.65
N ILE D 157 -18.22 -3.48 -5.00
CA ILE D 157 -18.95 -4.65 -5.47
C ILE D 157 -20.18 -4.78 -4.57
N THR D 158 -21.37 -4.68 -5.16
CA THR D 158 -22.60 -4.70 -4.38
C THR D 158 -23.59 -5.74 -4.89
N ILE D 159 -24.55 -6.03 -4.00
CA ILE D 159 -25.72 -6.84 -4.32
C ILE D 159 -26.79 -5.84 -4.75
N ALA D 160 -26.89 -5.61 -6.07
CA ALA D 160 -27.82 -4.60 -6.56
C ALA D 160 -29.26 -5.08 -6.46
N ASP D 161 -29.48 -6.39 -6.56
CA ASP D 161 -30.81 -6.97 -6.40
C ASP D 161 -30.62 -8.39 -5.91
N CYS D 162 -31.64 -8.92 -5.25
CA CYS D 162 -31.57 -10.29 -4.77
C CYS D 162 -32.99 -10.75 -4.51
N GLY D 163 -33.17 -12.06 -4.48
CA GLY D 163 -34.49 -12.61 -4.24
C GLY D 163 -34.47 -14.13 -4.31
N GLN D 164 -35.66 -14.71 -4.28
CA GLN D 164 -35.82 -16.15 -4.38
C GLN D 164 -36.37 -16.54 -5.74
N LEU D 165 -35.80 -17.57 -6.33
CA LEU D 165 -36.27 -18.10 -7.60
C LEU D 165 -37.19 -19.29 -7.37
N GLU D 166 -38.13 -19.48 -8.28
CA GLU D 166 -39.06 -20.60 -8.16
C GLU D 166 -38.27 -21.92 -8.20
#